data_8F86
#
_entry.id   8F86
#
_cell.length_a   1.00
_cell.length_b   1.00
_cell.length_c   1.00
_cell.angle_alpha   90.00
_cell.angle_beta   90.00
_cell.angle_gamma   90.00
#
_symmetry.space_group_name_H-M   'P 1'
#
loop_
_entity.id
_entity.type
_entity.pdbx_description
1 polymer 'Histone H3.2'
2 polymer 'Histone H4'
3 polymer 'Histone H2A type 1'
4 polymer 'Histone H2B'
5 polymer 'DNA (148-MER)'
6 polymer 'DNA (148-MER)'
7 polymer 'NAD-dependent protein deacylase sirtuin-6'
8 non-polymer '[(2R,3S,4R,5R)-5-(6-amino-9H-purin-9-yl)-3,4-dihydroxyoxolan-2-yl]methyl [(3aR,5R,6R,6aR)-6-hydroxytetrahydro-2H-furo[2,3-d][1,3]oxathiol-5-yl]methyl dihydrogen diphosphate (non-preferred name)'
9 non-polymer 'ZINC ION'
#
loop_
_entity_poly.entity_id
_entity_poly.type
_entity_poly.pdbx_seq_one_letter_code
_entity_poly.pdbx_strand_id
1 'polypeptide(L)'
;ARTKQTARKSTGGKAPRKQLATKAARKSAPATGGVKKPHRYRPGTVALREIRRYQKSTELLIRKLPFQRLVREIAQDFKT
DLRFQSSAVMALQEASEAYLVALFEDTNLAAIHAKRVTIMPKDIQLARRIRGERA
;
A,E
2 'polypeptide(L)'
;SGRGKGGKGLGKGGAKRHRKVLRDNIQGITKPAIRRLARRGGVKRISGLIYEETRGVLKVFLENVIRDAVTYTEHAKRKT
VTAMDVVYALKRQGRTLYGFGG
;
B,F
3 'polypeptide(L)'
;SGRGKQGGKTRAKAKTRSSRAGLQFPVGRVHRLLRKGNYAERVGAGAPVYLAAVLEYLTAEILELAGNAARDNKKTRIIP
RHLQLAVRNDEELNKLLGRVTIAQGGVLPNIQSVLLPKKTESSKSAKSK
;
C,G
4 'polypeptide(L)'
;AKSAPAPKKGSKKAVTKTQKKDGKKRRKTRKESYAIYVYKVLKQVHPDTGISSKAMSIMNSFVNDVFERIAGEASRLAHY
NKRSTITSREIQTAVRLLLPGELAKHAVSEGTKAVTKYTSAK
;
D,H
5 'polydeoxyribonucleotide'
;(DA)(DT)(DC)(DG)(DC)(DT)(DG)(DT)(DT)(DC)(DA)(DA)(DT)(DA)(DC)(DA)(DT)(DG)(DC)(DA)
(DC)(DA)(DG)(DG)(DA)(DT)(DG)(DT)(DA)(DT)(DA)(DT)(DA)(DT)(DC)(DT)(DG)(DA)(DC)(DA)
(DC)(DG)(DT)(DG)(DC)(DC)(DT)(DG)(DG)(DA)(DG)(DA)(DC)(DT)(DA)(DG)(DG)(DG)(DA)(DG)
(DT)(DA)(DA)(DT)(DC)(DC)(DC)(DC)(DT)(DT)(DG)(DG)(DC)(DG)(DG)(DT)(DT)(DA)(DA)(DA)
(DA)(DC)(DG)(DC)(DG)(DG)(DG)(DG)(DG)(DA)(DC)(DA)(DG)(DC)(DG)(DC)(DG)(DT)(DA)(DC)
(DG)(DT)(DG)(DC)(DG)(DT)(DT)(DT)(DA)(DA)(DG)(DC)(DG)(DG)(DT)(DG)(DC)(DT)(DA)(DG)
(DA)(DG)(DC)(DT)(DG)(DT)(DC)(DT)(DA)(DC)(DG)(DA)(DC)(DC)(DA)(DA)(DT)(DT)(DG)(DA)
(DG)(DC)(DG)(DG)(DC)(DC)(DT)(DC)(DG)(DG)(DC)(DA)(DC)(DC)(DG)(DG)(DG)(DA)(DT)(DT)
(DC)(DT)(DC)(DC)(DA)(DG)(DG)(DG)(DC)(DG)(DG)(DC)(DC)(DG)(DC)(DG)(DT)(DA)(DT)(DA)
(DG)(DG)(DG)(DA)(DT)
;
I
6 'polydeoxyribonucleotide'
;(DA)(DT)(DC)(DC)(DC)(DT)(DA)(DT)(DA)(DC)(DG)(DC)(DG)(DG)(DC)(DC)(DG)(DC)(DC)(DC)
(DT)(DG)(DG)(DA)(DG)(DA)(DA)(DT)(DC)(DC)(DC)(DG)(DG)(DT)(DG)(DC)(DC)(DG)(DA)(DG)
(DG)(DC)(DC)(DG)(DC)(DT)(DC)(DA)(DA)(DT)(DT)(DG)(DG)(DT)(DC)(DG)(DT)(DA)(DG)(DA)
(DC)(DA)(DG)(DC)(DT)(DC)(DT)(DA)(DG)(DC)(DA)(DC)(DC)(DG)(DC)(DT)(DT)(DA)(DA)(DA)
(DC)(DG)(DC)(DA)(DC)(DG)(DT)(DA)(DC)(DG)(DC)(DG)(DC)(DT)(DG)(DT)(DC)(DC)(DC)(DC)
(DC)(DG)(DC)(DG)(DT)(DT)(DT)(DT)(DA)(DA)(DC)(DC)(DG)(DC)(DC)(DA)(DA)(DG)(DG)(DG)
(DG)(DA)(DT)(DT)(DA)(DC)(DT)(DC)(DC)(DC)(DT)(DA)(DG)(DT)(DC)(DT)(DC)(DC)(DA)(DG)
(DG)(DC)(DA)(DC)(DG)(DT)(DG)(DT)(DC)(DA)(DG)(DA)(DT)(DA)(DT)(DA)(DT)(DA)(DC)(DA)
(DT)(DC)(DC)(DT)(DG)(DT)(DG)(DC)(DA)(DT)(DG)(DT)(DA)(DT)(DT)(DG)(DA)(DA)(DC)(DA)
(DG)(DC)(DG)(DA)(DT)
;
J
7 'polypeptide(L)'
;CSVNYAAGLSPYADKGKCGLPEIFDPPEELERKVWELARLVWQSSSVVFHTGAGISTASGIPDFRGPHGVWTMEERGLAP
KFDTTFESARPTQTHMALVQLERVGLLRFLVSQNVDGLHVRSGFPRDKLAELHGNMFVEECAKCKTQYVRDTVVGTMGLK
ATGRLCTVAKARGLRACRGELRDTILDWEDSLPDRDLALADEASRNADLSITLGTSLQIRPSGNLPLATKRRGGRLVIVN
LQPTKHDRHADLRIHGYVDEVMTRLMKHLGLEIPAWDGPRVLERALPPLPRPPTPKLEPKEESPTRINGSIPAGPKQEPC
AQHNGSEPASPKRERPTSPAPHRPPKRVKAKAVPS
;
K
#
loop_
_chem_comp.id
_chem_comp.type
_chem_comp.name
_chem_comp.formula
DA DNA linking 2'-DEOXYADENOSINE-5'-MONOPHOSPHATE 'C10 H14 N5 O6 P'
DC DNA linking 2'-DEOXYCYTIDINE-5'-MONOPHOSPHATE 'C9 H14 N3 O7 P'
DG DNA linking 2'-DEOXYGUANOSINE-5'-MONOPHOSPHATE 'C10 H14 N5 O7 P'
DT DNA linking THYMIDINE-5'-MONOPHOSPHATE 'C10 H15 N2 O8 P'
ZN non-polymer 'ZINC ION' 'Zn 2'
ZSL non-polymer '[(2R,3S,4R,5R)-5-(6-amino-9H-purin-9-yl)-3,4-dihydroxyoxolan-2-yl]methyl [(3aR,5R,6R,6aR)-6-hydroxytetrahydro-2H-furo[2,3-d][1,3]oxathiol-5-yl]methyl dihydrogen diphosphate (non-preferred name)' 'C16 H23 N5 O13 P2 S'
#
# COMPACT_ATOMS: atom_id res chain seq x y z
N THR A 3 -32.89 -7.45 -7.13
CA THR A 3 -32.89 -7.92 -8.54
C THR A 3 -34.16 -7.47 -9.27
N LYS A 4 -34.34 -6.16 -9.36
CA LYS A 4 -35.46 -5.63 -10.12
C LYS A 4 -34.98 -5.39 -11.54
N GLN A 5 -35.31 -6.32 -12.42
CA GLN A 5 -34.98 -6.28 -13.84
C GLN A 5 -33.48 -6.43 -14.09
N THR A 6 -32.66 -6.56 -13.06
CA THR A 6 -31.22 -6.66 -13.20
C THR A 6 -30.80 -8.12 -13.20
N ALA A 7 -29.85 -8.45 -14.07
CA ALA A 7 -29.32 -9.80 -14.16
C ALA A 7 -27.89 -9.72 -14.69
N ARG A 8 -27.13 -10.77 -14.44
CA ARG A 8 -25.77 -10.83 -14.93
C ARG A 8 -25.80 -11.10 -16.42
N LYS A 9 -24.63 -11.32 -17.02
CA LYS A 9 -24.57 -11.59 -18.47
C LYS A 9 -24.80 -13.10 -18.63
N SER A 10 -25.90 -13.45 -19.29
CA SER A 10 -26.21 -14.85 -19.57
C SER A 10 -27.25 -14.96 -20.67
N THR A 11 -27.67 -16.20 -20.96
CA THR A 11 -28.71 -16.44 -21.96
C THR A 11 -30.07 -16.75 -21.35
N GLY A 12 -30.13 -17.17 -20.09
CA GLY A 12 -31.38 -17.49 -19.44
C GLY A 12 -31.45 -18.93 -18.98
N GLY A 13 -31.62 -19.14 -17.68
CA GLY A 13 -31.69 -20.47 -17.12
C GLY A 13 -30.46 -21.30 -17.40
N HIS A 39 -30.93 -28.35 1.76
CA HIS A 39 -29.93 -29.11 1.02
C HIS A 39 -28.53 -28.76 1.51
N ARG A 40 -27.53 -29.45 0.96
CA ARG A 40 -26.15 -29.31 1.37
C ARG A 40 -25.40 -28.42 0.38
N TYR A 41 -24.75 -27.38 0.90
CA TYR A 41 -23.87 -26.57 0.08
C TYR A 41 -22.58 -27.34 -0.20
N ARG A 42 -22.05 -27.17 -1.41
CA ARG A 42 -20.79 -27.79 -1.74
C ARG A 42 -19.72 -27.26 -0.78
N PRO A 43 -19.00 -28.14 -0.07
CA PRO A 43 -17.99 -27.63 0.88
C PRO A 43 -17.02 -26.68 0.22
N GLY A 44 -17.06 -25.41 0.63
CA GLY A 44 -16.23 -24.38 0.04
C GLY A 44 -16.97 -23.09 -0.21
N THR A 45 -18.29 -23.16 -0.35
CA THR A 45 -19.09 -21.97 -0.61
C THR A 45 -19.48 -21.24 0.67
N VAL A 46 -19.79 -21.98 1.74
CA VAL A 46 -20.12 -21.33 3.01
C VAL A 46 -18.91 -20.56 3.52
N ALA A 47 -17.71 -21.10 3.30
CA ALA A 47 -16.50 -20.38 3.70
C ALA A 47 -16.33 -19.10 2.89
N LEU A 48 -16.66 -19.14 1.59
CA LEU A 48 -16.59 -17.92 0.79
C LEU A 48 -17.58 -16.88 1.29
N ARG A 49 -18.79 -17.32 1.62
CA ARG A 49 -19.77 -16.40 2.20
C ARG A 49 -19.26 -15.81 3.52
N GLU A 50 -18.65 -16.64 4.36
CA GLU A 50 -18.08 -16.15 5.61
C GLU A 50 -17.01 -15.11 5.36
N ILE A 51 -16.12 -15.38 4.40
CA ILE A 51 -15.06 -14.42 4.06
C ILE A 51 -15.69 -13.10 3.64
N ARG A 52 -16.64 -13.15 2.71
CA ARG A 52 -17.28 -11.93 2.27
C ARG A 52 -17.94 -11.20 3.43
N ARG A 53 -18.47 -11.93 4.40
CA ARG A 53 -19.14 -11.30 5.53
C ARG A 53 -18.15 -10.59 6.44
N TYR A 54 -17.08 -11.29 6.83
CA TYR A 54 -16.17 -10.74 7.84
C TYR A 54 -15.22 -9.71 7.29
N GLN A 55 -15.01 -9.67 5.97
CA GLN A 55 -14.14 -8.67 5.36
C GLN A 55 -14.88 -7.38 5.02
N LYS A 56 -16.17 -7.30 5.32
CA LYS A 56 -16.95 -6.08 5.17
C LYS A 56 -17.40 -5.51 6.51
N SER A 57 -17.12 -6.19 7.61
CA SER A 57 -17.46 -5.71 8.94
C SER A 57 -16.22 -5.12 9.60
N THR A 58 -16.41 -4.60 10.82
CA THR A 58 -15.30 -3.99 11.55
C THR A 58 -15.23 -4.38 13.02
N GLU A 59 -16.26 -5.00 13.59
CA GLU A 59 -16.24 -5.30 15.01
C GLU A 59 -15.14 -6.30 15.32
N LEU A 60 -14.58 -6.19 16.52
CA LEU A 60 -13.51 -7.08 16.94
C LEU A 60 -14.00 -8.53 16.94
N LEU A 61 -13.13 -9.44 16.54
CA LEU A 61 -13.51 -10.83 16.30
C LEU A 61 -13.00 -11.77 17.39
N ILE A 62 -12.89 -11.27 18.61
CA ILE A 62 -12.55 -12.10 19.76
C ILE A 62 -13.44 -11.69 20.93
N ARG A 63 -13.86 -12.67 21.72
CA ARG A 63 -14.71 -12.38 22.86
C ARG A 63 -13.96 -11.53 23.88
N LYS A 64 -14.53 -10.39 24.23
CA LYS A 64 -13.81 -9.40 25.02
C LYS A 64 -13.43 -9.94 26.40
N LEU A 65 -14.35 -10.64 27.06
CA LEU A 65 -14.05 -11.11 28.41
C LEU A 65 -12.90 -12.11 28.45
N PRO A 66 -12.90 -13.18 27.66
CA PRO A 66 -11.74 -14.09 27.69
C PRO A 66 -10.45 -13.41 27.28
N PHE A 67 -10.50 -12.50 26.32
CA PHE A 67 -9.28 -11.80 25.92
C PHE A 67 -8.77 -10.92 27.04
N GLN A 68 -9.67 -10.26 27.75
CA GLN A 68 -9.27 -9.43 28.89
C GLN A 68 -8.64 -10.28 29.99
N ARG A 69 -9.24 -11.44 30.25
CA ARG A 69 -8.62 -12.36 31.21
C ARG A 69 -7.24 -12.78 30.74
N LEU A 70 -7.09 -13.02 29.43
CA LEU A 70 -5.78 -13.38 28.90
C LEU A 70 -4.76 -12.26 29.11
N VAL A 71 -5.16 -11.01 28.86
CA VAL A 71 -4.25 -9.90 29.05
C VAL A 71 -3.86 -9.78 30.51
N ARG A 72 -4.82 -9.95 31.41
CA ARG A 72 -4.51 -9.92 32.84
C ARG A 72 -3.50 -11.01 33.19
N GLU A 73 -3.72 -12.23 32.70
CA GLU A 73 -2.80 -13.32 33.00
C GLU A 73 -1.40 -13.04 32.44
N ILE A 74 -1.33 -12.46 31.25
CA ILE A 74 -0.04 -12.18 30.64
C ILE A 74 0.71 -11.12 31.45
N ALA A 75 0.01 -10.04 31.80
CA ALA A 75 0.64 -8.98 32.60
C ALA A 75 0.89 -9.41 34.04
N GLN A 76 0.30 -10.52 34.47
CA GLN A 76 0.52 -11.00 35.84
C GLN A 76 1.99 -11.32 36.08
N ASP A 77 2.65 -11.92 35.09
CA ASP A 77 4.03 -12.37 35.27
C ASP A 77 5.01 -11.21 35.44
N PHE A 78 4.60 -9.98 35.14
CA PHE A 78 5.49 -8.83 35.21
C PHE A 78 5.31 -8.04 36.51
N LYS A 79 4.10 -7.57 36.78
CA LYS A 79 3.82 -6.77 37.97
C LYS A 79 2.46 -7.17 38.52
N THR A 80 2.44 -7.63 39.77
CA THR A 80 1.20 -8.05 40.39
C THR A 80 0.34 -6.84 40.72
N ASP A 81 -0.96 -7.10 40.93
CA ASP A 81 -1.92 -6.07 41.32
C ASP A 81 -1.83 -4.87 40.38
N LEU A 82 -1.94 -5.16 39.09
CA LEU A 82 -1.84 -4.15 38.04
C LEU A 82 -3.23 -3.90 37.47
N ARG A 83 -3.70 -2.67 37.59
CA ARG A 83 -5.05 -2.29 37.17
C ARG A 83 -5.00 -1.81 35.73
N PHE A 84 -5.91 -2.33 34.91
CA PHE A 84 -5.93 -2.05 33.49
C PHE A 84 -7.12 -1.16 33.15
N GLN A 85 -6.84 -0.03 32.50
CA GLN A 85 -7.91 0.81 31.98
C GLN A 85 -8.66 0.05 30.90
N SER A 86 -9.98 0.28 30.83
CA SER A 86 -10.77 -0.38 29.80
C SER A 86 -10.25 -0.03 28.41
N SER A 87 -9.95 1.24 28.17
CA SER A 87 -9.38 1.64 26.90
C SER A 87 -8.04 0.96 26.65
N ALA A 88 -7.29 0.65 27.71
CA ALA A 88 -6.03 -0.05 27.54
C ALA A 88 -6.26 -1.44 26.98
N VAL A 89 -7.20 -2.19 27.56
CA VAL A 89 -7.50 -3.52 27.06
C VAL A 89 -8.04 -3.45 25.65
N MET A 90 -8.86 -2.44 25.35
CA MET A 90 -9.37 -2.29 24.00
C MET A 90 -8.25 -2.04 23.00
N ALA A 91 -7.29 -1.18 23.36
CA ALA A 91 -6.16 -0.91 22.47
C ALA A 91 -5.34 -2.19 22.26
N LEU A 92 -5.11 -2.94 23.32
CA LEU A 92 -4.38 -4.20 23.17
C LEU A 92 -5.12 -5.15 22.23
N GLN A 93 -6.44 -5.24 22.39
CA GLN A 93 -7.22 -6.13 21.54
C GLN A 93 -7.16 -5.70 20.08
N GLU A 94 -7.29 -4.39 19.81
CA GLU A 94 -7.24 -3.93 18.44
C GLU A 94 -5.88 -4.22 17.83
N ALA A 95 -4.80 -3.94 18.57
CA ALA A 95 -3.47 -4.21 18.05
C ALA A 95 -3.29 -5.68 17.73
N SER A 96 -3.65 -6.56 18.66
CA SER A 96 -3.46 -7.99 18.44
C SER A 96 -4.30 -8.49 17.29
N GLU A 97 -5.55 -8.00 17.18
CA GLU A 97 -6.43 -8.44 16.10
C GLU A 97 -5.85 -8.04 14.75
N ALA A 98 -5.37 -6.79 14.63
CA ALA A 98 -4.77 -6.37 13.37
C ALA A 98 -3.54 -7.20 13.04
N TYR A 99 -2.70 -7.46 14.04
CA TYR A 99 -1.49 -8.23 13.81
C TYR A 99 -1.83 -9.64 13.32
N LEU A 100 -2.79 -10.29 13.98
CA LEU A 100 -3.14 -11.65 13.59
C LEU A 100 -3.80 -11.68 12.22
N VAL A 101 -4.62 -10.68 11.90
CA VAL A 101 -5.24 -10.64 10.58
C VAL A 101 -4.18 -10.54 9.50
N ALA A 102 -3.20 -9.64 9.70
CA ALA A 102 -2.12 -9.51 8.72
C ALA A 102 -1.33 -10.81 8.61
N LEU A 103 -1.04 -11.43 9.75
CA LEU A 103 -0.27 -12.68 9.73
C LEU A 103 -1.01 -13.76 8.96
N PHE A 104 -2.32 -13.87 9.15
CA PHE A 104 -3.09 -14.88 8.43
C PHE A 104 -3.18 -14.54 6.95
N GLU A 105 -3.24 -13.27 6.60
CA GLU A 105 -3.19 -12.89 5.18
C GLU A 105 -1.89 -13.38 4.55
N ASP A 106 -0.77 -13.13 5.22
CA ASP A 106 0.52 -13.57 4.67
C ASP A 106 0.61 -15.10 4.63
N THR A 107 0.09 -15.77 5.65
CA THR A 107 0.10 -17.23 5.65
C THR A 107 -0.72 -17.79 4.50
N ASN A 108 -1.88 -17.19 4.22
CA ASN A 108 -2.67 -17.62 3.08
C ASN A 108 -1.92 -17.40 1.78
N LEU A 109 -1.21 -16.27 1.67
CA LEU A 109 -0.42 -16.03 0.47
C LEU A 109 0.66 -17.11 0.31
N ALA A 110 1.32 -17.47 1.41
CA ALA A 110 2.34 -18.51 1.33
C ALA A 110 1.74 -19.85 0.94
N ALA A 111 0.59 -20.19 1.50
CA ALA A 111 -0.07 -21.44 1.16
C ALA A 111 -0.44 -21.48 -0.32
N ILE A 112 -0.97 -20.38 -0.85
CA ILE A 112 -1.25 -20.30 -2.27
C ILE A 112 0.03 -20.48 -3.07
N HIS A 113 1.12 -19.89 -2.60
CA HIS A 113 2.40 -20.03 -3.29
C HIS A 113 2.82 -21.49 -3.35
N ALA A 114 2.58 -22.25 -2.29
CA ALA A 114 2.97 -23.64 -2.23
C ALA A 114 1.99 -24.58 -2.93
N LYS A 115 1.13 -24.07 -3.81
CA LYS A 115 0.16 -24.88 -4.52
C LYS A 115 -0.75 -25.62 -3.55
N ARG A 116 -1.51 -24.83 -2.78
CA ARG A 116 -2.42 -25.38 -1.79
C ARG A 116 -3.54 -24.38 -1.54
N VAL A 117 -4.50 -24.80 -0.72
CA VAL A 117 -5.56 -23.91 -0.25
C VAL A 117 -5.69 -23.90 1.26
N THR A 118 -5.23 -24.92 1.97
CA THR A 118 -5.34 -24.99 3.42
C THR A 118 -4.03 -24.53 4.05
N ILE A 119 -4.09 -23.46 4.83
CA ILE A 119 -2.90 -22.96 5.51
C ILE A 119 -2.52 -23.93 6.61
N MET A 120 -1.24 -24.28 6.68
CA MET A 120 -0.73 -25.20 7.68
C MET A 120 0.27 -24.47 8.57
N PRO A 121 0.76 -25.09 9.64
CA PRO A 121 1.71 -24.39 10.51
C PRO A 121 2.96 -23.92 9.78
N LYS A 122 3.44 -24.71 8.81
CA LYS A 122 4.66 -24.33 8.11
C LYS A 122 4.49 -23.01 7.38
N ASP A 123 3.29 -22.73 6.86
CA ASP A 123 3.05 -21.47 6.19
C ASP A 123 3.22 -20.29 7.15
N ILE A 124 2.65 -20.41 8.35
CA ILE A 124 2.79 -19.34 9.33
C ILE A 124 4.26 -19.19 9.72
N GLN A 125 4.95 -20.30 9.93
CA GLN A 125 6.35 -20.22 10.34
C GLN A 125 7.19 -19.54 9.27
N LEU A 126 6.97 -19.89 8.00
CA LEU A 126 7.72 -19.23 6.92
C LEU A 126 7.35 -17.76 6.82
N ALA A 127 6.08 -17.42 6.98
CA ALA A 127 5.68 -16.03 6.91
C ALA A 127 6.38 -15.21 7.98
N ARG A 128 6.45 -15.74 9.20
CA ARG A 128 7.17 -15.04 10.26
C ARG A 128 8.67 -14.99 9.97
N ARG A 129 9.23 -16.09 9.48
CA ARG A 129 10.66 -16.13 9.19
C ARG A 129 11.06 -15.07 8.18
N ILE A 130 10.27 -14.92 7.12
CA ILE A 130 10.54 -13.87 6.14
C ILE A 130 10.27 -12.51 6.76
N ARG A 131 9.23 -12.41 7.60
CA ARG A 131 8.87 -11.13 8.20
C ARG A 131 9.98 -10.59 9.09
N GLY A 132 10.88 -11.46 9.54
CA GLY A 132 11.97 -11.09 10.42
C GLY A 132 11.71 -11.36 11.89
N GLU A 133 10.47 -11.67 12.26
CA GLU A 133 10.14 -11.95 13.65
C GLU A 133 10.67 -13.30 14.12
N ARG A 134 10.98 -14.22 13.20
CA ARG A 134 11.46 -15.55 13.56
C ARG A 134 12.90 -15.75 13.13
N LYS B 20 28.94 11.10 -21.06
CA LYS B 20 28.61 11.76 -19.76
C LYS B 20 27.25 11.32 -19.26
N VAL B 21 26.33 11.04 -20.19
CA VAL B 21 24.99 10.58 -19.85
C VAL B 21 25.01 9.06 -19.92
N LEU B 22 25.29 8.44 -18.78
CA LEU B 22 25.39 6.99 -18.72
C LEU B 22 24.06 6.35 -19.07
N ARG B 23 24.12 5.20 -19.75
CA ARG B 23 22.94 4.51 -20.23
C ARG B 23 23.02 3.02 -19.89
N ASP B 24 21.89 2.47 -19.47
CA ASP B 24 21.68 1.03 -19.31
C ASP B 24 22.93 0.34 -18.75
N ASN B 25 23.48 0.93 -17.69
CA ASN B 25 24.59 0.28 -16.99
C ASN B 25 24.12 -0.82 -16.06
N ILE B 26 22.80 -0.98 -15.89
CA ILE B 26 22.30 -2.07 -15.05
C ILE B 26 22.79 -3.41 -15.56
N GLN B 27 23.04 -3.52 -16.86
CA GLN B 27 23.61 -4.75 -17.41
C GLN B 27 24.97 -5.06 -16.79
N GLY B 28 25.64 -4.05 -16.24
CA GLY B 28 26.94 -4.30 -15.61
C GLY B 28 26.87 -5.34 -14.53
N ILE B 29 25.70 -5.48 -13.89
CA ILE B 29 25.48 -6.56 -12.94
C ILE B 29 25.27 -7.82 -13.76
N THR B 30 26.33 -8.59 -13.93
CA THR B 30 26.34 -9.70 -14.88
C THR B 30 25.87 -10.99 -14.21
N LYS B 31 25.58 -11.99 -15.04
CA LYS B 31 25.09 -13.26 -14.53
C LYS B 31 26.02 -13.87 -13.49
N PRO B 32 27.33 -13.97 -13.73
CA PRO B 32 28.19 -14.55 -12.68
C PRO B 32 28.18 -13.75 -11.39
N ALA B 33 28.02 -12.43 -11.45
CA ALA B 33 28.00 -11.63 -10.21
C ALA B 33 26.76 -11.93 -9.38
N ILE B 34 25.59 -11.94 -10.02
CA ILE B 34 24.37 -12.29 -9.31
C ILE B 34 24.45 -13.71 -8.79
N ARG B 35 25.07 -14.60 -9.57
CA ARG B 35 25.23 -15.98 -9.11
C ARG B 35 26.10 -16.03 -7.87
N ARG B 36 27.17 -15.25 -7.83
CA ARG B 36 27.99 -15.17 -6.61
C ARG B 36 27.15 -14.68 -5.44
N LEU B 37 26.36 -13.62 -5.67
CA LEU B 37 25.54 -13.07 -4.60
C LEU B 37 24.59 -14.11 -4.04
N ALA B 38 23.91 -14.84 -4.94
CA ALA B 38 22.99 -15.88 -4.50
C ALA B 38 23.73 -16.99 -3.77
N ARG B 39 24.88 -17.40 -4.30
CA ARG B 39 25.66 -18.45 -3.63
C ARG B 39 25.99 -18.03 -2.21
N ARG B 40 26.27 -16.75 -1.99
CA ARG B 40 26.50 -16.28 -0.63
C ARG B 40 25.30 -16.55 0.27
N GLY B 41 24.08 -16.50 -0.29
CA GLY B 41 22.88 -16.73 0.47
C GLY B 41 22.53 -18.17 0.73
N GLY B 42 23.28 -19.11 0.17
CA GLY B 42 23.03 -20.53 0.38
C GLY B 42 22.21 -21.20 -0.71
N VAL B 43 22.13 -20.62 -1.89
CA VAL B 43 21.34 -21.20 -2.98
C VAL B 43 22.16 -22.26 -3.71
N LYS B 44 21.52 -23.38 -4.03
CA LYS B 44 22.16 -24.46 -4.77
C LYS B 44 21.87 -24.43 -6.25
N ARG B 45 20.76 -23.83 -6.66
CA ARG B 45 20.39 -23.78 -8.07
C ARG B 45 19.61 -22.49 -8.32
N ILE B 46 19.82 -21.90 -9.50
CA ILE B 46 19.27 -20.59 -9.83
C ILE B 46 18.57 -20.70 -11.18
N SER B 47 17.28 -20.37 -11.20
CA SER B 47 16.54 -20.36 -12.44
C SER B 47 17.05 -19.24 -13.35
N GLY B 48 16.83 -19.42 -14.65
CA GLY B 48 17.30 -18.44 -15.61
C GLY B 48 16.65 -17.08 -15.46
N LEU B 49 15.35 -17.05 -15.16
CA LEU B 49 14.62 -15.81 -15.05
C LEU B 49 15.02 -14.97 -13.85
N ILE B 50 15.79 -15.54 -12.91
CA ILE B 50 16.11 -14.83 -11.68
C ILE B 50 16.93 -13.58 -11.95
N TYR B 51 17.67 -13.55 -13.05
CA TYR B 51 18.68 -12.50 -13.23
C TYR B 51 18.03 -11.16 -13.53
N GLU B 52 17.04 -11.13 -14.43
CA GLU B 52 16.35 -9.87 -14.69
C GLU B 52 15.63 -9.38 -13.44
N GLU B 53 15.00 -10.29 -12.70
CA GLU B 53 14.29 -9.91 -11.49
C GLU B 53 15.25 -9.31 -10.47
N THR B 54 16.41 -9.93 -10.29
CA THR B 54 17.38 -9.43 -9.32
C THR B 54 17.93 -8.08 -9.76
N ARG B 55 18.16 -7.91 -11.07
CA ARG B 55 18.61 -6.61 -11.55
C ARG B 55 17.57 -5.54 -11.25
N GLY B 56 16.30 -5.85 -11.47
CA GLY B 56 15.25 -4.90 -11.17
C GLY B 56 15.18 -4.56 -9.69
N VAL B 57 15.32 -5.57 -8.83
CA VAL B 57 15.24 -5.35 -7.39
C VAL B 57 16.39 -4.46 -6.93
N LEU B 58 17.60 -4.77 -7.38
CA LEU B 58 18.76 -3.95 -7.03
C LEU B 58 18.57 -2.52 -7.55
N LYS B 59 18.02 -2.38 -8.75
CA LYS B 59 17.79 -1.05 -9.30
C LYS B 59 16.83 -0.27 -8.41
N VAL B 60 15.76 -0.91 -7.95
CA VAL B 60 14.78 -0.22 -7.11
C VAL B 60 15.42 0.21 -5.80
N PHE B 61 16.18 -0.70 -5.18
CA PHE B 61 16.84 -0.37 -3.93
C PHE B 61 17.79 0.80 -4.09
N LEU B 62 18.58 0.78 -5.16
CA LEU B 62 19.51 1.88 -5.41
C LEU B 62 18.78 3.17 -5.69
N GLU B 63 17.67 3.11 -6.42
CA GLU B 63 16.88 4.32 -6.63
C GLU B 63 16.48 4.94 -5.31
N ASN B 64 15.97 4.11 -4.40
CA ASN B 64 15.56 4.63 -3.09
C ASN B 64 16.73 5.29 -2.37
N VAL B 65 17.85 4.56 -2.24
CA VAL B 65 18.95 5.05 -1.44
C VAL B 65 19.55 6.31 -2.06
N ILE B 66 19.68 6.33 -3.38
CA ILE B 66 20.28 7.49 -4.04
C ILE B 66 19.36 8.69 -3.95
N ARG B 67 18.05 8.48 -4.04
CA ARG B 67 17.13 9.59 -3.87
C ARG B 67 17.30 10.21 -2.49
N ASP B 68 17.34 9.38 -1.44
CA ASP B 68 17.49 9.91 -0.09
C ASP B 68 18.82 10.64 0.06
N ALA B 69 19.90 10.05 -0.44
CA ALA B 69 21.22 10.66 -0.30
C ALA B 69 21.28 11.99 -1.04
N VAL B 70 20.70 12.05 -2.23
CA VAL B 70 20.71 13.31 -2.98
C VAL B 70 19.88 14.35 -2.26
N THR B 71 18.78 13.94 -1.63
CA THR B 71 18.00 14.88 -0.83
C THR B 71 18.85 15.48 0.28
N TYR B 72 19.52 14.61 1.05
CA TYR B 72 20.39 15.10 2.11
C TYR B 72 21.45 16.05 1.58
N THR B 73 22.14 15.65 0.51
CA THR B 73 23.21 16.47 -0.04
C THR B 73 22.70 17.82 -0.49
N GLU B 74 21.64 17.83 -1.29
CA GLU B 74 21.09 19.09 -1.79
C GLU B 74 20.66 19.98 -0.63
N HIS B 75 20.13 19.39 0.44
CA HIS B 75 19.81 20.19 1.61
C HIS B 75 21.06 20.82 2.20
N ALA B 76 22.15 20.06 2.27
CA ALA B 76 23.40 20.56 2.86
C ALA B 76 24.11 21.59 1.98
N LYS B 77 23.53 22.04 0.86
CA LYS B 77 24.11 23.06 0.00
C LYS B 77 25.41 22.60 -0.64
N ARG B 78 25.71 21.30 -0.60
CA ARG B 78 26.88 20.74 -1.22
C ARG B 78 26.56 20.25 -2.63
N LYS B 79 27.59 19.83 -3.34
CA LYS B 79 27.45 19.22 -4.65
C LYS B 79 28.09 17.84 -4.73
N THR B 80 28.63 17.34 -3.63
CA THR B 80 29.23 16.01 -3.57
C THR B 80 28.46 15.16 -2.57
N VAL B 81 28.21 13.91 -2.94
CA VAL B 81 27.45 13.00 -2.08
C VAL B 81 28.45 12.39 -1.10
N THR B 82 28.64 13.06 0.02
CA THR B 82 29.55 12.56 1.04
C THR B 82 29.04 11.25 1.61
N ALA B 83 29.97 10.43 2.08
CA ALA B 83 29.62 9.11 2.59
C ALA B 83 28.58 9.20 3.69
N MET B 84 28.64 10.25 4.51
CA MET B 84 27.66 10.41 5.56
C MET B 84 26.26 10.58 5.00
N ASP B 85 26.15 11.14 3.79
CA ASP B 85 24.83 11.23 3.16
C ASP B 85 24.23 9.85 2.95
N VAL B 86 25.02 8.93 2.41
CA VAL B 86 24.51 7.58 2.18
C VAL B 86 24.25 6.88 3.51
N VAL B 87 25.12 7.08 4.50
CA VAL B 87 24.90 6.44 5.79
C VAL B 87 23.61 6.94 6.42
N TYR B 88 23.35 8.25 6.33
CA TYR B 88 22.12 8.80 6.87
C TYR B 88 20.90 8.26 6.12
N ALA B 89 21.00 8.15 4.79
CA ALA B 89 19.88 7.60 4.03
C ALA B 89 19.59 6.18 4.45
N LEU B 90 20.63 5.35 4.60
CA LEU B 90 20.43 3.96 5.00
C LEU B 90 19.86 3.89 6.41
N LYS B 91 20.33 4.75 7.32
CA LYS B 91 19.76 4.78 8.65
C LYS B 91 18.27 5.14 8.60
N ARG B 92 17.91 6.10 7.74
CA ARG B 92 16.51 6.47 7.59
C ARG B 92 15.68 5.28 7.10
N GLN B 93 16.19 4.54 6.12
CA GLN B 93 15.46 3.41 5.57
C GLN B 93 15.50 2.18 6.47
N GLY B 94 15.95 2.32 7.72
CA GLY B 94 16.03 1.18 8.61
C GLY B 94 17.06 0.17 8.18
N ARG B 95 18.17 0.63 7.61
CA ARG B 95 19.28 -0.22 7.16
C ARG B 95 20.59 0.35 7.65
N THR B 96 20.64 0.70 8.94
CA THR B 96 21.82 1.33 9.52
C THR B 96 23.09 0.58 9.13
N LEU B 97 24.08 1.32 8.65
CA LEU B 97 25.34 0.77 8.17
C LEU B 97 26.48 1.25 9.05
N TYR B 98 27.31 0.32 9.50
CA TYR B 98 28.45 0.61 10.36
C TYR B 98 29.74 0.45 9.57
N GLY B 99 30.63 1.42 9.69
CA GLY B 99 31.91 1.35 9.03
C GLY B 99 32.20 2.53 8.12
N PHE B 100 31.36 3.57 8.20
CA PHE B 100 31.60 4.77 7.40
C PHE B 100 31.32 6.05 8.19
N GLY B 101 31.17 5.98 9.50
CA GLY B 101 30.87 7.14 10.31
C GLY B 101 29.40 7.25 10.62
N GLY B 102 29.10 7.82 11.80
CA GLY B 102 27.72 8.00 12.23
C GLY B 102 27.24 6.89 13.14
N ARG C 11 -2.54 48.53 21.78
CA ARG C 11 -2.37 47.38 20.85
C ARG C 11 -3.44 47.39 19.76
N ALA C 12 -3.04 47.01 18.55
CA ALA C 12 -3.97 46.91 17.43
C ALA C 12 -4.73 45.58 17.50
N LYS C 13 -5.73 45.45 16.63
CA LYS C 13 -6.52 44.22 16.60
C LYS C 13 -5.61 43.03 16.36
N ALA C 14 -5.81 41.98 17.17
CA ALA C 14 -4.95 40.80 17.14
C ALA C 14 -5.44 39.85 16.06
N LYS C 15 -4.86 39.97 14.87
CA LYS C 15 -5.15 39.07 13.76
C LYS C 15 -4.22 37.87 13.85
N THR C 16 -4.78 36.69 14.09
CA THR C 16 -3.95 35.51 14.33
C THR C 16 -3.14 35.17 13.09
N ARG C 17 -1.96 34.59 13.33
CA ARG C 17 -1.03 34.30 12.24
C ARG C 17 -1.68 33.46 11.16
N SER C 18 -2.54 32.52 11.55
CA SER C 18 -3.17 31.64 10.57
C SER C 18 -3.96 32.44 9.54
N SER C 19 -4.73 33.43 9.99
CA SER C 19 -5.54 34.20 9.04
C SER C 19 -4.66 34.88 8.01
N ARG C 20 -3.54 35.47 8.44
CA ARG C 20 -2.62 36.08 7.50
C ARG C 20 -2.05 35.04 6.54
N ALA C 21 -1.63 33.90 7.07
CA ALA C 21 -1.06 32.86 6.23
C ALA C 21 -2.11 32.24 5.32
N GLY C 22 -3.35 32.12 5.78
CA GLY C 22 -4.42 31.54 5.01
C GLY C 22 -4.75 30.11 5.36
N LEU C 23 -4.07 29.51 6.34
CA LEU C 23 -4.32 28.14 6.72
C LEU C 23 -5.62 28.05 7.52
N GLN C 24 -5.94 26.82 7.93
CA GLN C 24 -7.00 26.56 8.90
C GLN C 24 -6.46 26.02 10.21
N PHE C 25 -5.30 25.35 10.18
CA PHE C 25 -4.67 24.88 11.40
C PHE C 25 -4.06 26.05 12.15
N PRO C 26 -3.75 25.86 13.44
CA PRO C 26 -3.18 26.96 14.23
C PRO C 26 -1.68 27.09 13.95
N VAL C 27 -1.24 28.34 13.76
CA VAL C 27 0.18 28.59 13.56
C VAL C 27 0.89 28.77 14.91
N GLY C 28 0.30 29.57 15.80
CA GLY C 28 0.92 29.78 17.09
C GLY C 28 1.01 28.51 17.91
N ARG C 29 -0.02 27.66 17.83
CA ARG C 29 -0.01 26.41 18.59
C ARG C 29 1.16 25.53 18.15
N VAL C 30 1.35 25.40 16.84
CA VAL C 30 2.46 24.59 16.35
C VAL C 30 3.79 25.25 16.66
N HIS C 31 3.85 26.58 16.64
CA HIS C 31 5.06 27.26 17.07
C HIS C 31 5.42 26.88 18.50
N ARG C 32 4.44 26.91 19.39
CA ARG C 32 4.70 26.58 20.79
C ARG C 32 5.06 25.11 20.95
N LEU C 33 4.41 24.23 20.18
CA LEU C 33 4.75 22.82 20.25
C LEU C 33 6.18 22.59 19.81
N LEU C 34 6.62 23.26 18.74
CA LEU C 34 8.00 23.14 18.30
C LEU C 34 8.96 23.67 19.36
N ARG C 35 8.66 24.83 19.93
CA ARG C 35 9.56 25.41 20.92
C ARG C 35 9.67 24.51 22.14
N LYS C 36 8.54 24.09 22.71
CA LYS C 36 8.55 23.24 23.89
C LYS C 36 8.83 21.79 23.58
N GLY C 37 8.80 21.39 22.30
CA GLY C 37 9.06 20.01 21.94
C GLY C 37 10.51 19.61 22.04
N ASN C 38 11.41 20.57 22.25
CA ASN C 38 12.84 20.29 22.39
C ASN C 38 13.41 19.74 21.09
N TYR C 39 13.16 20.46 19.99
CA TYR C 39 13.65 20.07 18.68
C TYR C 39 14.86 20.86 18.22
N ALA C 40 15.10 22.04 18.81
CA ALA C 40 16.25 22.85 18.45
C ALA C 40 16.35 24.00 19.43
N GLU C 41 17.58 24.51 19.59
CA GLU C 41 17.79 25.61 20.53
C GLU C 41 16.92 26.80 20.17
N ARG C 42 16.61 26.99 18.89
CA ARG C 42 15.68 28.02 18.48
C ARG C 42 14.96 27.55 17.23
N VAL C 43 13.76 28.11 17.00
CA VAL C 43 12.90 27.71 15.90
C VAL C 43 12.66 28.92 15.01
N GLY C 44 12.82 28.74 13.72
CA GLY C 44 12.65 29.83 12.78
C GLY C 44 11.27 30.45 12.87
N ALA C 45 11.13 31.61 12.22
CA ALA C 45 9.85 32.30 12.18
C ALA C 45 8.92 31.74 11.12
N GLY C 46 9.43 30.94 10.20
CA GLY C 46 8.60 30.39 9.14
C GLY C 46 8.31 28.92 9.33
N ALA C 47 9.01 28.26 10.24
CA ALA C 47 8.79 26.83 10.45
C ALA C 47 7.35 26.53 10.85
N PRO C 48 6.76 27.20 11.84
CA PRO C 48 5.38 26.85 12.21
C PRO C 48 4.41 26.97 11.06
N VAL C 49 4.55 28.00 10.22
CA VAL C 49 3.61 28.19 9.12
C VAL C 49 3.68 27.03 8.15
N TYR C 50 4.90 26.65 7.76
CA TYR C 50 5.08 25.55 6.82
C TYR C 50 4.56 24.24 7.40
N LEU C 51 4.90 23.96 8.68
CA LEU C 51 4.48 22.71 9.28
C LEU C 51 2.96 22.64 9.39
N ALA C 52 2.33 23.74 9.79
CA ALA C 52 0.87 23.77 9.87
C ALA C 52 0.25 23.57 8.49
N ALA C 53 0.81 24.20 7.46
CA ALA C 53 0.26 24.02 6.13
C ALA C 53 0.36 22.58 5.68
N VAL C 54 1.49 21.93 5.96
CA VAL C 54 1.67 20.53 5.55
C VAL C 54 0.68 19.64 6.29
N LEU C 55 0.53 19.84 7.59
CA LEU C 55 -0.40 19.02 8.36
C LEU C 55 -1.83 19.23 7.86
N GLU C 56 -2.19 20.49 7.59
CA GLU C 56 -3.54 20.76 7.12
C GLU C 56 -3.79 20.09 5.78
N TYR C 57 -2.80 20.12 4.88
CA TYR C 57 -2.98 19.47 3.59
C TYR C 57 -3.13 17.96 3.74
N LEU C 58 -2.30 17.34 4.57
CA LEU C 58 -2.40 15.89 4.74
C LEU C 58 -3.76 15.51 5.32
N THR C 59 -4.20 16.22 6.36
CA THR C 59 -5.50 15.93 6.95
C THR C 59 -6.62 16.20 5.94
N ALA C 60 -6.48 17.24 5.12
CA ALA C 60 -7.49 17.51 4.11
C ALA C 60 -7.59 16.36 3.11
N GLU C 61 -6.44 15.81 2.71
CA GLU C 61 -6.47 14.68 1.79
C GLU C 61 -7.17 13.49 2.42
N ILE C 62 -6.79 13.12 3.65
CA ILE C 62 -7.40 11.97 4.30
C ILE C 62 -8.90 12.18 4.44
N LEU C 63 -9.30 13.37 4.91
CA LEU C 63 -10.72 13.63 5.13
C LEU C 63 -11.49 13.62 3.82
N GLU C 64 -10.93 14.20 2.75
CA GLU C 64 -11.63 14.21 1.48
C GLU C 64 -11.85 12.80 0.96
N LEU C 65 -10.81 11.96 1.03
CA LEU C 65 -10.97 10.58 0.57
C LEU C 65 -11.98 9.83 1.44
N ALA C 66 -11.94 10.06 2.76
CA ALA C 66 -12.90 9.38 3.63
C ALA C 66 -14.32 9.81 3.32
N GLY C 67 -14.54 11.10 3.07
CA GLY C 67 -15.86 11.56 2.70
C GLY C 67 -16.31 10.97 1.36
N ASN C 68 -15.37 10.82 0.43
CA ASN C 68 -15.68 10.14 -0.82
C ASN C 68 -16.16 8.71 -0.55
N ALA C 69 -15.45 8.00 0.31
CA ALA C 69 -15.85 6.63 0.64
C ALA C 69 -17.22 6.62 1.30
N ALA C 70 -17.49 7.57 2.19
CA ALA C 70 -18.79 7.63 2.86
C ALA C 70 -19.90 7.86 1.86
N ARG C 71 -19.76 8.88 1.02
CA ARG C 71 -20.78 9.15 0.00
C ARG C 71 -20.98 7.93 -0.89
N ASP C 72 -19.89 7.21 -1.19
CA ASP C 72 -20.03 5.97 -1.96
C ASP C 72 -20.59 4.83 -1.13
N ASN C 73 -20.73 5.00 0.18
CA ASN C 73 -21.34 4.00 1.05
C ASN C 73 -22.69 4.46 1.57
N LYS C 74 -23.27 5.51 0.98
CA LYS C 74 -24.59 5.99 1.35
C LYS C 74 -24.68 6.27 2.85
N LYS C 75 -23.87 7.23 3.29
CA LYS C 75 -23.83 7.62 4.68
C LYS C 75 -23.41 9.09 4.77
N THR C 76 -23.54 9.65 5.98
CA THR C 76 -23.22 11.06 6.19
C THR C 76 -22.41 11.28 7.46
N ARG C 77 -21.88 10.23 8.08
CA ARG C 77 -21.06 10.35 9.29
C ARG C 77 -19.80 9.52 9.09
N ILE C 78 -18.67 10.20 8.87
CA ILE C 78 -17.41 9.48 8.70
C ILE C 78 -17.12 8.64 9.93
N ILE C 79 -16.69 7.41 9.71
CA ILE C 79 -16.41 6.47 10.79
C ILE C 79 -15.01 5.91 10.56
N PRO C 80 -14.44 5.19 11.53
CA PRO C 80 -13.08 4.65 11.32
C PRO C 80 -12.97 3.78 10.08
N ARG C 81 -14.05 3.07 9.72
CA ARG C 81 -14.04 2.26 8.52
C ARG C 81 -13.77 3.12 7.28
N HIS C 82 -14.40 4.29 7.22
CA HIS C 82 -14.20 5.15 6.06
C HIS C 82 -12.77 5.64 5.97
N LEU C 83 -12.15 5.96 7.11
CA LEU C 83 -10.74 6.34 7.09
C LEU C 83 -9.86 5.18 6.63
N GLN C 84 -10.14 3.97 7.13
CA GLN C 84 -9.36 2.81 6.71
C GLN C 84 -9.46 2.61 5.21
N LEU C 85 -10.66 2.71 4.65
CA LEU C 85 -10.83 2.55 3.21
C LEU C 85 -10.14 3.67 2.44
N ALA C 86 -10.25 4.91 2.92
CA ALA C 86 -9.60 6.02 2.24
C ALA C 86 -8.09 5.89 2.27
N VAL C 87 -7.55 5.20 3.28
CA VAL C 87 -6.11 5.06 3.40
C VAL C 87 -5.60 3.92 2.54
N ARG C 88 -6.07 2.69 2.81
CA ARG C 88 -5.48 1.53 2.17
C ARG C 88 -5.69 1.50 0.67
N ASN C 89 -6.64 2.27 0.15
CA ASN C 89 -6.93 2.24 -1.28
C ASN C 89 -6.11 3.24 -2.08
N ASP C 90 -5.40 4.16 -1.42
CA ASP C 90 -4.52 5.11 -2.09
C ASP C 90 -3.07 4.71 -1.78
N GLU C 91 -2.29 4.45 -2.84
CA GLU C 91 -1.00 3.82 -2.65
C GLU C 91 -0.06 4.69 -1.82
N GLU C 92 -0.01 6.00 -2.10
CA GLU C 92 0.90 6.87 -1.37
C GLU C 92 0.58 6.86 0.12
N LEU C 93 -0.71 7.01 0.46
CA LEU C 93 -1.09 7.02 1.86
C LEU C 93 -0.82 5.68 2.52
N ASN C 94 -1.08 4.58 1.79
CA ASN C 94 -0.76 3.27 2.35
C ASN C 94 0.72 3.14 2.66
N LYS C 95 1.58 3.69 1.79
CA LYS C 95 3.00 3.71 2.08
C LYS C 95 3.29 4.56 3.31
N LEU C 96 2.78 5.78 3.34
CA LEU C 96 3.03 6.68 4.46
C LEU C 96 2.48 6.10 5.75
N LEU C 97 1.27 5.53 5.70
CA LEU C 97 0.62 4.91 6.85
C LEU C 97 0.80 3.40 6.82
N GLY C 98 1.95 2.93 6.38
CA GLY C 98 2.18 1.49 6.31
C GLY C 98 2.13 0.81 7.67
N ARG C 99 2.72 1.45 8.67
CA ARG C 99 2.85 0.82 9.98
C ARG C 99 1.69 1.10 10.93
N VAL C 100 0.74 1.95 10.55
CA VAL C 100 -0.38 2.24 11.44
C VAL C 100 -1.38 1.08 11.40
N THR C 101 -2.19 0.99 12.45
CA THR C 101 -3.33 0.07 12.51
C THR C 101 -4.52 0.89 12.98
N ILE C 102 -5.21 1.55 12.04
CA ILE C 102 -6.33 2.39 12.40
C ILE C 102 -7.37 1.54 13.11
N ALA C 103 -7.67 1.88 14.35
CA ALA C 103 -8.57 1.07 15.16
C ALA C 103 -9.96 1.07 14.54
N GLN C 104 -10.63 -0.09 14.62
CA GLN C 104 -11.98 -0.25 14.11
C GLN C 104 -12.06 0.07 12.61
N GLY C 105 -11.04 -0.32 11.86
CA GLY C 105 -11.01 -0.07 10.44
C GLY C 105 -11.23 -1.31 9.61
N GLY C 106 -11.02 -2.48 10.22
CA GLY C 106 -11.16 -3.70 9.46
C GLY C 106 -10.05 -3.83 8.43
N VAL C 107 -10.32 -4.65 7.42
CA VAL C 107 -9.39 -4.90 6.32
C VAL C 107 -10.13 -4.71 5.00
N LEU C 108 -9.36 -4.48 3.95
CA LEU C 108 -9.94 -4.35 2.63
C LEU C 108 -10.51 -5.68 2.17
N PRO C 109 -11.59 -5.67 1.38
CA PRO C 109 -12.20 -6.95 0.96
C PRO C 109 -11.39 -7.66 -0.11
N ASN C 110 -10.38 -8.41 0.29
CA ASN C 110 -9.49 -9.10 -0.64
C ASN C 110 -9.77 -10.60 -0.59
N ILE C 111 -10.07 -11.18 -1.75
CA ILE C 111 -10.19 -12.63 -1.91
C ILE C 111 -9.27 -13.04 -3.04
N GLN C 112 -8.32 -13.92 -2.75
CA GLN C 112 -7.38 -14.36 -3.76
C GLN C 112 -8.12 -15.15 -4.84
N SER C 113 -7.70 -14.98 -6.09
CA SER C 113 -8.41 -15.59 -7.21
C SER C 113 -8.45 -17.10 -7.09
N VAL C 114 -7.33 -17.71 -6.70
CA VAL C 114 -7.29 -19.18 -6.60
C VAL C 114 -8.35 -19.67 -5.63
N LEU C 115 -8.74 -18.84 -4.66
CA LEU C 115 -9.77 -19.23 -3.70
C LEU C 115 -11.17 -19.20 -4.30
N LEU C 116 -11.41 -18.38 -5.31
CA LEU C 116 -12.73 -18.28 -5.89
C LEU C 116 -13.12 -19.59 -6.59
N PRO C 117 -14.40 -19.89 -6.68
CA PRO C 117 -14.83 -21.13 -7.33
C PRO C 117 -14.79 -21.01 -8.85
N LYS C 118 -14.95 -22.15 -9.50
CA LYS C 118 -14.93 -22.23 -10.95
C LYS C 118 -16.36 -22.34 -11.48
N LYS C 119 -16.78 -21.33 -12.23
CA LYS C 119 -18.13 -21.29 -12.80
C LYS C 119 -18.13 -21.93 -14.18
N THR C 120 -19.22 -21.73 -14.93
CA THR C 120 -19.45 -22.44 -16.20
C THR C 120 -19.87 -23.88 -15.94
N GLU C 121 -20.75 -24.07 -14.96
CA GLU C 121 -21.32 -25.37 -14.65
C GLU C 121 -22.51 -25.62 -15.58
N SER C 122 -23.34 -26.60 -15.23
CA SER C 122 -24.51 -26.94 -16.04
C SER C 122 -24.11 -27.36 -17.44
N THR D 29 -9.18 20.04 34.57
CA THR D 29 -8.22 19.58 33.53
C THR D 29 -8.40 20.38 32.24
N ARG D 30 -7.31 20.49 31.47
CA ARG D 30 -7.31 21.23 30.21
C ARG D 30 -6.61 20.37 29.16
N LYS D 31 -7.41 19.77 28.26
CA LYS D 31 -6.89 18.87 27.24
C LYS D 31 -6.75 19.63 25.92
N GLU D 32 -5.73 19.26 25.16
CA GLU D 32 -5.40 19.93 23.90
C GLU D 32 -5.58 18.95 22.74
N SER D 33 -6.21 19.42 21.67
CA SER D 33 -6.45 18.58 20.50
C SER D 33 -6.70 19.48 19.30
N TYR D 34 -6.59 18.87 18.11
CA TYR D 34 -6.81 19.57 16.85
C TYR D 34 -8.23 19.36 16.34
N ALA D 35 -9.15 18.94 17.19
CA ALA D 35 -10.48 18.55 16.73
C ALA D 35 -11.16 19.69 15.98
N ILE D 36 -11.11 20.90 16.54
CA ILE D 36 -11.82 22.02 15.93
C ILE D 36 -11.26 22.32 14.54
N TYR D 37 -9.94 22.31 14.39
CA TYR D 37 -9.35 22.62 13.09
C TYR D 37 -9.65 21.52 12.07
N VAL D 38 -9.63 20.26 12.51
CA VAL D 38 -9.96 19.16 11.61
C VAL D 38 -11.40 19.29 11.13
N TYR D 39 -12.32 19.62 12.04
CA TYR D 39 -13.70 19.81 11.64
C TYR D 39 -13.84 21.00 10.69
N LYS D 40 -13.07 22.07 10.92
CA LYS D 40 -13.10 23.20 10.00
C LYS D 40 -12.66 22.78 8.61
N VAL D 41 -11.57 22.01 8.52
CA VAL D 41 -11.10 21.53 7.23
C VAL D 41 -12.16 20.67 6.56
N LEU D 42 -12.75 19.75 7.32
CA LEU D 42 -13.76 18.86 6.75
C LEU D 42 -14.91 19.66 6.18
N LYS D 43 -15.48 20.56 6.97
CA LYS D 43 -16.59 21.37 6.47
C LYS D 43 -16.14 22.29 5.34
N GLN D 44 -14.84 22.55 5.22
CA GLN D 44 -14.35 23.29 4.06
C GLN D 44 -14.30 22.42 2.80
N VAL D 45 -14.10 21.11 2.95
CA VAL D 45 -13.87 20.24 1.80
C VAL D 45 -15.13 19.45 1.46
N HIS D 46 -15.91 19.09 2.48
CA HIS D 46 -17.12 18.29 2.32
C HIS D 46 -18.26 19.03 2.99
N PRO D 47 -18.86 20.01 2.30
CA PRO D 47 -19.81 20.92 2.97
C PRO D 47 -20.83 20.23 3.85
N ASP D 48 -21.26 19.02 3.53
CA ASP D 48 -22.29 18.31 4.29
C ASP D 48 -21.81 16.89 4.58
N THR D 49 -21.05 16.73 5.68
CA THR D 49 -20.66 15.41 6.15
C THR D 49 -20.09 15.50 7.56
N GLY D 50 -20.58 14.65 8.46
CA GLY D 50 -20.09 14.62 9.82
C GLY D 50 -18.86 13.74 9.95
N ILE D 51 -18.41 13.59 11.21
CA ILE D 51 -17.30 12.70 11.52
C ILE D 51 -17.47 12.21 12.95
N SER D 52 -17.45 10.89 13.12
CA SER D 52 -17.70 10.30 14.42
C SER D 52 -16.63 10.72 15.42
N SER D 53 -16.93 10.50 16.70
CA SER D 53 -15.97 10.83 17.76
C SER D 53 -14.71 9.98 17.64
N LYS D 54 -14.88 8.67 17.42
CA LYS D 54 -13.72 7.81 17.24
C LYS D 54 -12.95 8.19 15.99
N ALA D 55 -13.67 8.55 14.92
CA ALA D 55 -13.00 9.01 13.72
C ALA D 55 -12.23 10.30 13.97
N MET D 56 -12.81 11.22 14.74
CA MET D 56 -12.09 12.44 15.08
C MET D 56 -10.84 12.13 15.89
N SER D 57 -10.93 11.19 16.83
CA SER D 57 -9.76 10.81 17.60
C SER D 57 -8.68 10.22 16.70
N ILE D 58 -9.09 9.40 15.73
CA ILE D 58 -8.12 8.82 14.79
C ILE D 58 -7.44 9.91 14.00
N MET D 59 -8.21 10.87 13.51
CA MET D 59 -7.63 11.96 12.72
C MET D 59 -6.66 12.79 13.57
N ASN D 60 -7.04 13.08 14.81
CA ASN D 60 -6.16 13.85 15.69
C ASN D 60 -4.86 13.10 15.96
N SER D 61 -4.96 11.79 16.22
CA SER D 61 -3.75 11.00 16.43
C SER D 61 -2.87 10.97 15.19
N PHE D 62 -3.49 10.89 14.00
CA PHE D 62 -2.72 10.93 12.78
C PHE D 62 -1.96 12.24 12.65
N VAL D 63 -2.63 13.36 12.94
CA VAL D 63 -1.96 14.66 12.86
C VAL D 63 -0.80 14.70 13.84
N ASN D 64 -1.02 14.21 15.07
CA ASN D 64 0.05 14.22 16.05
C ASN D 64 1.25 13.41 15.57
N ASP D 65 1.00 12.21 15.04
CA ASP D 65 2.10 11.36 14.60
C ASP D 65 2.87 12.00 13.46
N VAL D 66 2.17 12.57 12.48
CA VAL D 66 2.85 13.18 11.34
C VAL D 66 3.65 14.39 11.82
N PHE D 67 3.09 15.18 12.72
CA PHE D 67 3.82 16.31 13.27
C PHE D 67 5.10 15.86 13.94
N GLU D 68 5.02 14.82 14.77
CA GLU D 68 6.21 14.34 15.45
C GLU D 68 7.26 13.86 14.45
N ARG D 69 6.83 13.13 13.42
CA ARG D 69 7.79 12.61 12.45
C ARG D 69 8.49 13.75 11.71
N ILE D 70 7.72 14.70 11.18
CA ILE D 70 8.33 15.80 10.43
C ILE D 70 9.25 16.61 11.34
N ALA D 71 8.81 16.90 12.57
CA ALA D 71 9.64 17.69 13.48
C ALA D 71 10.93 16.97 13.80
N GLY D 72 10.87 15.66 14.07
CA GLY D 72 12.08 14.92 14.35
C GLY D 72 13.05 14.90 13.19
N GLU D 73 12.53 14.70 11.97
CA GLU D 73 13.41 14.72 10.81
C GLU D 73 14.02 16.08 10.60
N ALA D 74 13.24 17.15 10.80
CA ALA D 74 13.78 18.49 10.66
C ALA D 74 14.86 18.75 11.70
N SER D 75 14.67 18.25 12.93
CA SER D 75 15.66 18.42 13.97
C SER D 75 16.96 17.71 13.60
N ARG D 76 16.85 16.46 13.14
CA ARG D 76 18.05 15.73 12.74
C ARG D 76 18.75 16.43 11.58
N LEU D 77 17.99 16.96 10.63
CA LEU D 77 18.59 17.68 9.52
C LEU D 77 19.32 18.93 10.01
N ALA D 78 18.71 19.68 10.93
CA ALA D 78 19.38 20.85 11.47
C ALA D 78 20.63 20.46 12.22
N HIS D 79 20.64 19.28 12.85
CA HIS D 79 21.82 18.86 13.60
C HIS D 79 22.94 18.41 12.66
N TYR D 80 22.59 17.75 11.56
CA TYR D 80 23.61 17.26 10.65
C TYR D 80 24.43 18.39 10.06
N ASN D 81 23.77 19.47 9.63
CA ASN D 81 24.45 20.61 9.06
C ASN D 81 24.97 21.57 10.12
N LYS D 82 25.05 21.13 11.37
CA LYS D 82 25.60 21.92 12.46
C LYS D 82 24.91 23.27 12.62
N ARG D 83 23.69 23.39 12.10
CA ARG D 83 22.87 24.56 12.36
C ARG D 83 22.06 24.34 13.63
N SER D 84 21.74 25.44 14.31
CA SER D 84 21.06 25.37 15.60
C SER D 84 19.61 25.81 15.53
N THR D 85 19.02 25.86 14.34
CA THR D 85 17.65 26.32 14.20
C THR D 85 16.91 25.48 13.16
N ILE D 86 15.58 25.58 13.19
CA ILE D 86 14.70 24.94 12.24
C ILE D 86 13.99 26.02 11.45
N THR D 87 13.92 25.83 10.13
CA THR D 87 13.38 26.84 9.23
C THR D 87 12.51 26.18 8.18
N SER D 88 11.87 27.00 7.35
CA SER D 88 11.06 26.48 6.27
C SER D 88 11.86 25.53 5.39
N ARG D 89 13.16 25.78 5.21
CA ARG D 89 13.99 24.89 4.42
C ARG D 89 14.06 23.51 5.03
N GLU D 90 14.28 23.43 6.34
CA GLU D 90 14.41 22.13 6.98
C GLU D 90 13.09 21.38 6.99
N ILE D 91 11.98 22.09 7.20
CA ILE D 91 10.68 21.44 7.15
C ILE D 91 10.40 20.93 5.74
N GLN D 92 10.78 21.71 4.74
CA GLN D 92 10.61 21.28 3.36
C GLN D 92 11.40 20.01 3.09
N THR D 93 12.65 19.96 3.55
CA THR D 93 13.46 18.77 3.33
C THR D 93 12.89 17.57 4.08
N ALA D 94 12.37 17.79 5.30
CA ALA D 94 11.75 16.71 6.04
C ALA D 94 10.53 16.17 5.31
N VAL D 95 9.71 17.07 4.75
CA VAL D 95 8.54 16.63 4.00
C VAL D 95 8.98 15.85 2.76
N ARG D 96 10.01 16.32 2.07
CA ARG D 96 10.52 15.59 0.93
C ARG D 96 10.98 14.19 1.32
N LEU D 97 11.67 14.08 2.46
CA LEU D 97 12.19 12.78 2.88
C LEU D 97 11.07 11.83 3.28
N LEU D 98 10.03 12.35 3.93
CA LEU D 98 9.02 11.48 4.54
C LEU D 98 7.90 11.10 3.58
N LEU D 99 7.17 12.08 3.07
CA LEU D 99 6.02 11.79 2.24
C LEU D 99 6.47 11.25 0.89
N PRO D 100 5.86 10.16 0.38
CA PRO D 100 6.23 9.66 -0.95
C PRO D 100 5.31 10.15 -2.06
N GLY D 101 5.73 9.94 -3.31
CA GLY D 101 4.86 10.14 -4.44
C GLY D 101 4.44 11.59 -4.63
N GLU D 102 3.29 11.77 -5.28
CA GLU D 102 2.74 13.11 -5.48
C GLU D 102 2.39 13.77 -4.15
N LEU D 103 2.25 12.98 -3.09
CA LEU D 103 1.94 13.54 -1.78
C LEU D 103 2.99 14.57 -1.38
N ALA D 104 4.27 14.21 -1.51
CA ALA D 104 5.33 15.13 -1.13
C ALA D 104 5.32 16.38 -2.01
N LYS D 105 5.14 16.20 -3.32
CA LYS D 105 5.15 17.35 -4.21
C LYS D 105 4.05 18.34 -3.82
N HIS D 106 2.83 17.85 -3.62
CA HIS D 106 1.73 18.75 -3.32
C HIS D 106 1.85 19.33 -1.93
N ALA D 107 2.34 18.55 -0.96
CA ALA D 107 2.56 19.10 0.38
C ALA D 107 3.58 20.23 0.35
N VAL D 108 4.67 20.04 -0.41
CA VAL D 108 5.66 21.10 -0.54
C VAL D 108 5.04 22.32 -1.20
N SER D 109 4.20 22.10 -2.22
CA SER D 109 3.57 23.23 -2.89
C SER D 109 2.70 24.02 -1.91
N GLU D 110 1.89 23.32 -1.12
CA GLU D 110 1.03 24.00 -0.16
C GLU D 110 1.84 24.72 0.90
N GLY D 111 2.89 24.09 1.42
CA GLY D 111 3.72 24.75 2.40
C GLY D 111 4.38 26.00 1.86
N THR D 112 4.89 25.93 0.63
CA THR D 112 5.53 27.09 0.03
C THR D 112 4.51 28.21 -0.18
N LYS D 113 3.32 27.87 -0.66
CA LYS D 113 2.30 28.90 -0.83
C LYS D 113 1.95 29.55 0.50
N ALA D 114 1.79 28.72 1.55
CA ALA D 114 1.46 29.25 2.87
C ALA D 114 2.53 30.20 3.36
N VAL D 115 3.80 29.79 3.26
CA VAL D 115 4.87 30.61 3.82
C VAL D 115 5.04 31.89 3.01
N THR D 116 4.89 31.81 1.68
CA THR D 116 5.02 33.04 0.89
C THR D 116 3.89 34.01 1.20
N LYS D 117 2.66 33.51 1.34
CA LYS D 117 1.58 34.40 1.72
C LYS D 117 1.83 35.03 3.09
N TYR D 118 2.27 34.22 4.05
CA TYR D 118 2.52 34.74 5.39
C TYR D 118 3.62 35.80 5.37
N THR D 119 4.72 35.52 4.67
CA THR D 119 5.81 36.48 4.61
C THR D 119 5.38 37.76 3.92
N SER D 120 4.56 37.66 2.87
CA SER D 120 4.04 38.85 2.22
C SER D 120 3.23 39.71 3.17
N ALA D 121 2.70 39.12 4.23
CA ALA D 121 1.90 39.86 5.21
C ALA D 121 2.77 40.32 6.36
N ARG E 40 35.20 -35.11 -14.57
CA ARG E 40 34.06 -34.16 -14.51
C ARG E 40 33.28 -34.34 -13.22
N TYR E 41 32.53 -33.32 -12.83
CA TYR E 41 31.75 -33.35 -11.60
C TYR E 41 30.27 -33.47 -11.92
N ARG E 42 29.58 -34.34 -11.19
CA ARG E 42 28.14 -34.47 -11.37
C ARG E 42 27.48 -33.13 -11.03
N PRO E 43 26.50 -32.70 -11.82
CA PRO E 43 25.92 -31.36 -11.59
C PRO E 43 25.38 -31.22 -10.18
N GLY E 44 25.57 -30.03 -9.61
CA GLY E 44 25.15 -29.71 -8.27
C GLY E 44 26.25 -29.76 -7.23
N THR E 45 27.25 -30.61 -7.40
CA THR E 45 28.26 -30.79 -6.38
C THR E 45 29.09 -29.52 -6.19
N VAL E 46 29.45 -28.84 -7.27
CA VAL E 46 30.27 -27.63 -7.14
C VAL E 46 29.44 -26.43 -6.74
N ALA E 47 28.11 -26.51 -6.81
CA ALA E 47 27.28 -25.45 -6.28
C ALA E 47 27.51 -25.30 -4.78
N LEU E 48 27.58 -26.41 -4.06
CA LEU E 48 27.86 -26.34 -2.62
C LEU E 48 29.27 -25.84 -2.37
N ARG E 49 30.23 -26.22 -3.22
CA ARG E 49 31.59 -25.72 -3.07
C ARG E 49 31.64 -24.21 -3.22
N GLU E 50 30.95 -23.68 -4.23
CA GLU E 50 30.88 -22.23 -4.42
C GLU E 50 30.17 -21.58 -3.26
N ILE E 51 29.10 -22.20 -2.76
CA ILE E 51 28.38 -21.65 -1.61
C ILE E 51 29.33 -21.49 -0.43
N ARG E 52 30.05 -22.57 -0.11
CA ARG E 52 30.97 -22.52 1.02
C ARG E 52 32.06 -21.48 0.80
N ARG E 53 32.65 -21.43 -0.39
CA ARG E 53 33.72 -20.48 -0.64
C ARG E 53 33.22 -19.04 -0.49
N TYR E 54 32.12 -18.71 -1.16
CA TYR E 54 31.64 -17.35 -1.18
C TYR E 54 30.97 -16.93 0.13
N GLN E 55 30.61 -17.89 0.99
CA GLN E 55 30.16 -17.53 2.33
C GLN E 55 31.31 -17.36 3.30
N LYS E 56 32.37 -18.16 3.15
CA LYS E 56 33.53 -18.02 4.03
C LYS E 56 34.23 -16.68 3.82
N SER E 57 34.20 -16.15 2.60
CA SER E 57 34.93 -14.93 2.28
C SER E 57 34.11 -13.71 2.70
N THR E 58 34.71 -12.53 2.54
CA THR E 58 34.06 -11.29 2.95
C THR E 58 34.28 -10.14 1.96
N GLU E 59 34.72 -10.41 0.74
CA GLU E 59 35.00 -9.34 -0.22
C GLU E 59 33.68 -8.81 -0.76
N LEU E 60 33.78 -7.91 -1.74
CA LEU E 60 32.62 -7.34 -2.40
C LEU E 60 32.41 -8.07 -3.72
N LEU E 61 31.32 -8.83 -3.81
CA LEU E 61 31.13 -9.74 -4.93
C LEU E 61 30.99 -8.99 -6.25
N ILE E 62 30.10 -8.00 -6.29
CA ILE E 62 29.92 -7.26 -7.53
C ILE E 62 31.19 -6.51 -7.88
N ARG E 63 31.46 -6.37 -9.18
CA ARG E 63 32.61 -5.61 -9.61
C ARG E 63 32.43 -4.15 -9.27
N LYS E 64 33.51 -3.50 -8.83
CA LYS E 64 33.39 -2.15 -8.29
C LYS E 64 33.05 -1.13 -9.37
N LEU E 65 33.77 -1.15 -10.49
CA LEU E 65 33.57 -0.11 -11.50
C LEU E 65 32.18 -0.16 -12.12
N PRO E 66 31.66 -1.32 -12.53
CA PRO E 66 30.28 -1.33 -13.06
C PRO E 66 29.27 -0.87 -12.03
N PHE E 67 29.47 -1.20 -10.75
CA PHE E 67 28.55 -0.74 -9.72
C PHE E 67 28.60 0.76 -9.60
N GLN E 68 29.80 1.34 -9.65
CA GLN E 68 29.92 2.80 -9.59
C GLN E 68 29.25 3.45 -10.78
N ARG E 69 29.41 2.86 -11.97
CA ARG E 69 28.74 3.41 -13.14
C ARG E 69 27.23 3.34 -13.00
N LEU E 70 26.72 2.22 -12.48
CA LEU E 70 25.29 2.10 -12.25
C LEU E 70 24.80 3.15 -11.27
N VAL E 71 25.55 3.37 -10.18
CA VAL E 71 25.15 4.34 -9.17
C VAL E 71 25.13 5.74 -9.77
N ARG E 72 26.14 6.08 -10.56
CA ARG E 72 26.17 7.40 -11.19
C ARG E 72 25.02 7.58 -12.16
N GLU E 73 24.73 6.55 -12.95
CA GLU E 73 23.58 6.63 -13.86
C GLU E 73 22.29 6.84 -13.08
N ILE E 74 22.13 6.13 -11.96
CA ILE E 74 20.93 6.31 -11.14
C ILE E 74 20.85 7.73 -10.63
N ALA E 75 21.94 8.23 -10.06
CA ALA E 75 21.93 9.56 -9.47
C ALA E 75 21.74 10.65 -10.52
N GLN E 76 22.08 10.37 -11.77
CA GLN E 76 21.78 11.34 -12.83
C GLN E 76 20.31 11.71 -12.84
N ASP E 77 19.45 10.78 -12.45
CA ASP E 77 18.01 11.02 -12.52
C ASP E 77 17.58 12.19 -11.63
N PHE E 78 18.10 12.23 -10.40
CA PHE E 78 17.60 13.17 -9.41
C PHE E 78 18.20 14.56 -9.60
N LYS E 79 19.52 14.67 -9.45
CA LYS E 79 20.22 15.93 -9.65
C LYS E 79 21.41 15.70 -10.57
N THR E 80 21.71 16.70 -11.38
CA THR E 80 22.69 16.55 -12.45
C THR E 80 24.08 16.97 -11.99
N ASP E 81 25.09 16.21 -12.41
CA ASP E 81 26.49 16.50 -12.13
C ASP E 81 26.77 16.48 -10.63
N LEU E 82 26.56 15.32 -10.02
CA LEU E 82 26.97 15.09 -8.65
C LEU E 82 28.43 14.70 -8.61
N ARG E 83 28.97 14.50 -7.41
CA ARG E 83 30.36 14.09 -7.24
C ARG E 83 30.42 13.19 -6.01
N PHE E 84 30.38 11.89 -6.25
CA PHE E 84 30.38 10.91 -5.16
C PHE E 84 31.80 10.72 -4.62
N GLN E 85 31.93 10.84 -3.30
CA GLN E 85 33.16 10.42 -2.66
C GLN E 85 33.32 8.91 -2.80
N SER E 86 34.55 8.47 -3.03
CA SER E 86 34.78 7.03 -3.17
C SER E 86 34.18 6.26 -2.01
N SER E 87 34.28 6.80 -0.80
CA SER E 87 33.64 6.16 0.35
C SER E 87 32.14 6.05 0.16
N ALA E 88 31.53 7.04 -0.51
CA ALA E 88 30.09 6.99 -0.73
C ALA E 88 29.71 5.77 -1.57
N VAL E 89 30.40 5.57 -2.70
CA VAL E 89 30.08 4.42 -3.54
C VAL E 89 30.43 3.13 -2.82
N MET E 90 31.50 3.12 -2.02
CA MET E 90 31.83 1.92 -1.26
C MET E 90 30.69 1.56 -0.31
N ALA E 91 30.16 2.57 0.40
CA ALA E 91 29.05 2.33 1.31
C ALA E 91 27.81 1.85 0.56
N LEU E 92 27.52 2.46 -0.60
CA LEU E 92 26.38 2.05 -1.39
C LEU E 92 26.52 0.58 -1.81
N GLN E 93 27.72 0.19 -2.25
CA GLN E 93 27.93 -1.19 -2.67
C GLN E 93 27.78 -2.15 -1.51
N GLU E 94 28.32 -1.79 -0.34
CA GLU E 94 28.18 -2.65 0.82
C GLU E 94 26.71 -2.84 1.17
N ALA E 95 25.95 -1.75 1.19
CA ALA E 95 24.53 -1.84 1.52
C ALA E 95 23.78 -2.70 0.51
N SER E 96 24.05 -2.49 -0.78
CA SER E 96 23.35 -3.25 -1.81
C SER E 96 23.68 -4.73 -1.72
N GLU E 97 24.96 -5.06 -1.50
CA GLU E 97 25.34 -6.46 -1.40
C GLU E 97 24.69 -7.13 -0.20
N ALA E 98 24.68 -6.46 0.95
CA ALA E 98 24.04 -7.05 2.12
C ALA E 98 22.55 -7.25 1.87
N TYR E 99 21.89 -6.25 1.28
CA TYR E 99 20.46 -6.36 1.02
C TYR E 99 20.16 -7.51 0.07
N LEU E 100 20.95 -7.63 -1.00
CA LEU E 100 20.71 -8.70 -1.97
C LEU E 100 20.97 -10.06 -1.36
N VAL E 101 22.01 -10.19 -0.52
CA VAL E 101 22.28 -11.47 0.11
C VAL E 101 21.13 -11.87 1.02
N ALA E 102 20.64 -10.93 1.83
CA ALA E 102 19.50 -11.25 2.70
C ALA E 102 18.27 -11.61 1.87
N LEU E 103 18.01 -10.87 0.80
CA LEU E 103 16.86 -11.14 -0.05
C LEU E 103 16.96 -12.53 -0.65
N PHE E 104 18.15 -12.92 -1.11
CA PHE E 104 18.32 -14.24 -1.70
C PHE E 104 18.21 -15.35 -0.66
N GLU E 105 18.65 -15.11 0.57
CA GLU E 105 18.44 -16.10 1.62
C GLU E 105 16.95 -16.31 1.87
N ASP E 106 16.19 -15.21 1.95
CA ASP E 106 14.75 -15.33 2.12
C ASP E 106 14.12 -16.04 0.94
N THR E 107 14.56 -15.72 -0.28
CA THR E 107 14.03 -16.35 -1.47
C THR E 107 14.31 -17.84 -1.50
N ASN E 108 15.51 -18.24 -1.08
CA ASN E 108 15.82 -19.66 -1.01
C ASN E 108 14.93 -20.36 0.00
N LEU E 109 14.69 -19.71 1.15
CA LEU E 109 13.76 -20.29 2.11
C LEU E 109 12.38 -20.46 1.50
N ALA E 110 11.90 -19.46 0.77
CA ALA E 110 10.60 -19.56 0.13
C ALA E 110 10.54 -20.72 -0.85
N ALA E 111 11.54 -20.81 -1.73
CA ALA E 111 11.56 -21.86 -2.73
C ALA E 111 11.60 -23.24 -2.08
N ILE E 112 12.44 -23.40 -1.05
CA ILE E 112 12.51 -24.69 -0.37
C ILE E 112 11.17 -25.02 0.28
N HIS E 113 10.49 -24.01 0.83
CA HIS E 113 9.15 -24.23 1.36
C HIS E 113 8.20 -24.69 0.26
N ALA E 114 8.42 -24.23 -0.96
CA ALA E 114 7.57 -24.62 -2.09
C ALA E 114 7.92 -25.99 -2.65
N LYS E 115 8.68 -26.80 -1.92
CA LYS E 115 9.09 -28.13 -2.39
C LYS E 115 9.85 -28.01 -3.72
N ARG E 116 10.98 -27.31 -3.65
CA ARG E 116 11.80 -27.06 -4.83
C ARG E 116 13.24 -26.92 -4.39
N VAL E 117 14.14 -26.81 -5.36
CA VAL E 117 15.55 -26.56 -5.10
C VAL E 117 16.04 -25.42 -5.98
N THR E 118 15.26 -25.06 -6.99
CA THR E 118 15.60 -23.97 -7.89
C THR E 118 14.75 -22.76 -7.54
N ILE E 119 15.41 -21.63 -7.30
CA ILE E 119 14.70 -20.41 -6.91
C ILE E 119 14.23 -19.70 -8.16
N MET E 120 12.94 -19.34 -8.18
CA MET E 120 12.31 -18.74 -9.34
C MET E 120 11.89 -17.31 -9.03
N PRO E 121 11.51 -16.52 -10.03
CA PRO E 121 11.06 -15.15 -9.74
C PRO E 121 9.90 -15.09 -8.75
N LYS E 122 8.97 -16.05 -8.81
CA LYS E 122 7.85 -16.04 -7.89
C LYS E 122 8.32 -16.08 -6.44
N ASP E 123 9.43 -16.75 -6.17
CA ASP E 123 9.95 -16.77 -4.81
C ASP E 123 10.41 -15.39 -4.37
N ILE E 124 11.09 -14.66 -5.27
CA ILE E 124 11.50 -13.30 -4.94
C ILE E 124 10.28 -12.43 -4.70
N GLN E 125 9.25 -12.56 -5.53
CA GLN E 125 8.05 -11.76 -5.32
C GLN E 125 7.43 -12.06 -3.97
N LEU E 126 7.33 -13.34 -3.61
CA LEU E 126 6.75 -13.69 -2.33
C LEU E 126 7.57 -13.10 -1.18
N ALA E 127 8.89 -13.25 -1.24
CA ALA E 127 9.73 -12.74 -0.16
C ALA E 127 9.61 -11.23 -0.04
N ARG E 128 9.55 -10.52 -1.17
CA ARG E 128 9.40 -9.07 -1.12
C ARG E 128 8.02 -8.66 -0.65
N ARG E 129 7.01 -9.53 -0.83
CA ARG E 129 5.67 -9.18 -0.41
C ARG E 129 5.47 -9.42 1.08
N ILE E 130 5.98 -10.53 1.60
CA ILE E 130 5.79 -10.84 3.02
C ILE E 130 6.61 -9.90 3.90
N ARG E 131 7.58 -9.19 3.33
CA ARG E 131 8.39 -8.23 4.06
C ARG E 131 7.92 -6.79 3.87
N GLY E 132 6.74 -6.59 3.28
CA GLY E 132 6.17 -5.28 3.14
C GLY E 132 6.75 -4.43 2.02
N GLU E 133 7.78 -4.92 1.34
CA GLU E 133 8.36 -4.16 0.25
C GLU E 133 7.42 -4.15 -0.97
N ARG E 134 7.60 -3.15 -1.81
CA ARG E 134 6.83 -3.02 -3.05
C ARG E 134 5.35 -2.85 -2.76
N ASN F 25 -6.35 -20.51 30.66
CA ASN F 25 -6.80 -19.11 30.41
C ASN F 25 -6.42 -18.64 29.01
N ILE F 26 -5.43 -19.32 28.41
CA ILE F 26 -5.09 -19.04 27.01
C ILE F 26 -6.19 -19.56 26.09
N GLN F 27 -6.79 -20.70 26.45
CA GLN F 27 -7.77 -21.36 25.59
C GLN F 27 -9.02 -20.50 25.41
N GLY F 28 -9.10 -19.36 26.10
CA GLY F 28 -10.21 -18.46 25.89
C GLY F 28 -10.35 -18.02 24.45
N ILE F 29 -9.26 -18.04 23.68
CA ILE F 29 -9.33 -17.79 22.25
C ILE F 29 -9.81 -19.09 21.60
N THR F 30 -11.11 -19.19 21.39
CA THR F 30 -11.72 -20.42 20.88
C THR F 30 -11.43 -20.59 19.40
N LYS F 31 -11.51 -21.84 18.94
CA LYS F 31 -11.29 -22.12 17.53
C LYS F 31 -12.16 -21.28 16.62
N PRO F 32 -13.45 -21.08 16.88
CA PRO F 32 -14.22 -20.17 16.02
C PRO F 32 -13.63 -18.78 15.93
N ALA F 33 -13.00 -18.29 17.00
CA ALA F 33 -12.40 -16.97 16.95
C ALA F 33 -11.25 -16.91 15.95
N ILE F 34 -10.37 -17.91 15.98
CA ILE F 34 -9.27 -17.94 15.03
C ILE F 34 -9.80 -18.17 13.62
N ARG F 35 -10.86 -18.97 13.48
CA ARG F 35 -11.46 -19.15 12.16
C ARG F 35 -11.99 -17.83 11.62
N ARG F 36 -12.64 -17.05 12.47
CA ARG F 36 -13.16 -15.76 12.03
C ARG F 36 -12.02 -14.80 11.68
N LEU F 37 -10.95 -14.81 12.46
CA LEU F 37 -9.80 -13.97 12.14
C LEU F 37 -9.23 -14.35 10.79
N ALA F 38 -9.09 -15.65 10.53
CA ALA F 38 -8.59 -16.09 9.23
C ALA F 38 -9.53 -15.69 8.10
N ARG F 39 -10.84 -15.90 8.30
CA ARG F 39 -11.81 -15.53 7.26
C ARG F 39 -11.72 -14.05 6.95
N ARG F 40 -11.49 -13.21 7.96
CA ARG F 40 -11.20 -11.80 7.69
C ARG F 40 -9.91 -11.66 6.88
N GLY F 41 -8.88 -12.41 7.25
CA GLY F 41 -7.62 -12.32 6.53
C GLY F 41 -7.78 -12.64 5.06
N GLY F 42 -8.49 -13.71 4.75
CA GLY F 42 -8.70 -14.12 3.37
C GLY F 42 -8.61 -15.62 3.18
N VAL F 43 -8.34 -16.35 4.27
CA VAL F 43 -8.13 -17.79 4.17
C VAL F 43 -9.43 -18.47 3.81
N LYS F 44 -9.31 -19.60 3.10
CA LYS F 44 -10.45 -20.41 2.67
C LYS F 44 -10.58 -21.72 3.42
N ARG F 45 -9.45 -22.35 3.74
CA ARG F 45 -9.43 -23.55 4.57
C ARG F 45 -8.32 -23.40 5.60
N ILE F 46 -8.51 -24.05 6.75
CA ILE F 46 -7.60 -23.92 7.88
C ILE F 46 -7.21 -25.31 8.35
N SER F 47 -5.91 -25.61 8.31
CA SER F 47 -5.43 -26.89 8.80
C SER F 47 -5.71 -27.01 10.29
N GLY F 48 -5.99 -28.25 10.71
CA GLY F 48 -6.37 -28.49 12.09
C GLY F 48 -5.31 -28.13 13.11
N LEU F 49 -4.05 -28.09 12.70
CA LEU F 49 -2.95 -27.78 13.60
C LEU F 49 -2.61 -26.29 13.64
N ILE F 50 -3.36 -25.46 12.92
CA ILE F 50 -3.07 -24.02 12.91
C ILE F 50 -3.35 -23.40 14.27
N TYR F 51 -4.45 -23.80 14.91
CA TYR F 51 -4.95 -23.07 16.07
C TYR F 51 -3.89 -22.94 17.16
N GLU F 52 -3.15 -24.01 17.44
CA GLU F 52 -2.11 -23.92 18.46
C GLU F 52 -1.05 -22.90 18.08
N GLU F 53 -0.61 -22.92 16.82
CA GLU F 53 0.40 -21.96 16.39
C GLU F 53 -0.12 -20.53 16.48
N THR F 54 -1.37 -20.31 16.11
CA THR F 54 -1.93 -18.97 16.21
C THR F 54 -2.00 -18.51 17.65
N ARG F 55 -2.38 -19.42 18.56
CA ARG F 55 -2.41 -19.07 19.97
C ARG F 55 -1.02 -18.70 20.46
N GLY F 56 -0.01 -19.47 20.07
CA GLY F 56 1.36 -19.15 20.48
C GLY F 56 1.81 -17.80 19.95
N VAL F 57 1.51 -17.51 18.68
CA VAL F 57 1.89 -16.22 18.10
C VAL F 57 1.22 -15.08 18.86
N LEU F 58 -0.08 -15.25 19.15
CA LEU F 58 -0.79 -14.23 19.93
C LEU F 58 -0.13 -14.04 21.29
N LYS F 59 0.24 -15.14 21.95
CA LYS F 59 0.88 -15.03 23.25
C LYS F 59 2.18 -14.25 23.15
N VAL F 60 2.98 -14.53 22.14
CA VAL F 60 4.28 -13.84 22.01
C VAL F 60 4.06 -12.35 21.78
N PHE F 61 3.15 -12.00 20.86
CA PHE F 61 2.89 -10.60 20.57
C PHE F 61 2.40 -9.88 21.81
N LEU F 62 1.43 -10.47 22.52
CA LEU F 62 0.90 -9.82 23.71
C LEU F 62 1.96 -9.72 24.79
N GLU F 63 2.83 -10.73 24.93
CA GLU F 63 3.89 -10.66 25.92
C GLU F 63 4.79 -9.47 25.65
N ASN F 64 5.20 -9.28 24.40
CA ASN F 64 6.09 -8.17 24.09
C ASN F 64 5.40 -6.83 24.35
N VAL F 65 4.19 -6.66 23.81
CA VAL F 65 3.52 -5.37 23.94
C VAL F 65 3.20 -5.07 25.39
N ILE F 66 2.77 -6.08 26.14
CA ILE F 66 2.44 -5.90 27.55
C ILE F 66 3.68 -5.57 28.35
N ARG F 67 4.81 -6.20 28.04
CA ARG F 67 6.03 -5.88 28.76
C ARG F 67 6.43 -4.43 28.53
N ASP F 68 6.35 -3.96 27.29
CA ASP F 68 6.67 -2.55 27.03
C ASP F 68 5.72 -1.63 27.79
N ALA F 69 4.42 -1.93 27.74
CA ALA F 69 3.44 -1.08 28.41
C ALA F 69 3.66 -1.07 29.92
N VAL F 70 3.94 -2.23 30.50
CA VAL F 70 4.11 -2.33 31.94
C VAL F 70 5.37 -1.60 32.36
N THR F 71 6.43 -1.67 31.56
CA THR F 71 7.62 -0.88 31.86
C THR F 71 7.30 0.61 31.83
N TYR F 72 6.56 1.04 30.81
CA TYR F 72 6.17 2.46 30.75
C TYR F 72 5.38 2.86 31.99
N THR F 73 4.45 2.01 32.42
CA THR F 73 3.66 2.30 33.61
C THR F 73 4.54 2.37 34.85
N GLU F 74 5.36 1.34 35.08
CA GLU F 74 6.20 1.31 36.27
C GLU F 74 7.10 2.53 36.33
N HIS F 75 7.58 3.01 35.19
CA HIS F 75 8.43 4.20 35.20
C HIS F 75 7.67 5.40 35.74
N ALA F 76 6.47 5.63 35.24
CA ALA F 76 5.66 6.78 35.64
C ALA F 76 5.11 6.65 37.05
N LYS F 77 5.48 5.61 37.79
CA LYS F 77 5.00 5.43 39.17
C LYS F 77 3.48 5.38 39.20
N ARG F 78 2.91 4.50 38.38
CA ARG F 78 1.48 4.29 38.32
C ARG F 78 1.19 2.81 38.54
N LYS F 79 0.17 2.52 39.32
CA LYS F 79 -0.28 1.15 39.52
C LYS F 79 -1.26 0.70 38.44
N THR F 80 -1.67 1.60 37.55
CA THR F 80 -2.63 1.31 36.50
C THR F 80 -1.94 1.38 35.15
N VAL F 81 -2.29 0.45 34.25
CA VAL F 81 -1.71 0.42 32.90
C VAL F 81 -2.61 1.31 32.04
N THR F 82 -2.28 2.59 31.99
CA THR F 82 -3.05 3.53 31.19
C THR F 82 -3.04 3.11 29.73
N ALA F 83 -4.09 3.53 29.01
CA ALA F 83 -4.18 3.24 27.59
C ALA F 83 -3.02 3.86 26.82
N MET F 84 -2.67 5.11 27.16
CA MET F 84 -1.56 5.76 26.49
C MET F 84 -0.27 4.97 26.66
N ASP F 85 -0.13 4.24 27.77
CA ASP F 85 1.05 3.39 27.93
C ASP F 85 1.09 2.29 26.87
N VAL F 86 -0.05 1.66 26.59
CA VAL F 86 -0.09 0.65 25.55
C VAL F 86 0.14 1.28 24.18
N VAL F 87 -0.41 2.47 23.97
CA VAL F 87 -0.21 3.15 22.69
C VAL F 87 1.28 3.43 22.49
N TYR F 88 1.96 3.89 23.54
CA TYR F 88 3.39 4.17 23.42
C TYR F 88 4.19 2.88 23.24
N ALA F 89 3.78 1.80 23.90
CA ALA F 89 4.45 0.52 23.66
C ALA F 89 4.35 0.14 22.19
N LEU F 90 3.15 0.21 21.63
CA LEU F 90 2.98 -0.13 20.22
C LEU F 90 3.82 0.78 19.33
N LYS F 91 3.78 2.09 19.59
CA LYS F 91 4.57 3.02 18.79
C LYS F 91 6.05 2.67 18.88
N ARG F 92 6.52 2.25 20.05
CA ARG F 92 7.91 1.83 20.20
C ARG F 92 8.20 0.61 19.33
N GLN F 93 7.30 -0.38 19.35
CA GLN F 93 7.49 -1.58 18.54
C GLN F 93 7.13 -1.37 17.08
N GLY F 94 6.99 -0.13 16.63
CA GLY F 94 6.67 0.13 15.23
C GLY F 94 5.31 -0.36 14.80
N ARG F 95 4.31 -0.22 15.67
CA ARG F 95 2.93 -0.58 15.35
C ARG F 95 1.99 0.52 15.83
N THR F 96 2.33 1.76 15.49
CA THR F 96 1.57 2.92 15.96
C THR F 96 0.08 2.67 15.81
N LEU F 97 -0.67 2.94 16.88
CA LEU F 97 -2.09 2.66 16.96
C LEU F 97 -2.84 3.97 17.08
N TYR F 98 -3.77 4.21 16.16
CA TYR F 98 -4.56 5.44 16.13
C TYR F 98 -5.92 5.21 16.78
N GLY F 99 -6.61 6.32 17.04
CA GLY F 99 -7.95 6.28 17.59
C GLY F 99 -8.02 6.22 19.11
N PHE F 100 -6.88 6.08 19.79
CA PHE F 100 -6.84 6.06 21.25
C PHE F 100 -6.19 7.31 21.82
N GLY F 101 -6.04 8.36 21.02
CA GLY F 101 -5.40 9.57 21.49
C GLY F 101 -3.89 9.42 21.60
N GLY F 102 -3.17 10.53 21.57
CA GLY F 102 -1.72 10.50 21.65
C GLY F 102 -1.06 11.38 20.61
N ALA G 14 39.42 10.58 41.64
CA ALA G 14 40.38 11.59 41.11
C ALA G 14 39.64 12.84 40.65
N LYS G 15 40.29 13.63 39.80
CA LYS G 15 39.68 14.88 39.34
C LYS G 15 38.54 14.61 38.36
N THR G 16 38.75 13.70 37.42
CA THR G 16 37.80 13.51 36.33
C THR G 16 36.65 12.61 36.77
N ARG G 17 35.43 12.98 36.35
CA ARG G 17 34.25 12.20 36.72
C ARG G 17 34.43 10.75 36.35
N SER G 18 34.89 10.47 35.13
CA SER G 18 35.10 9.09 34.71
C SER G 18 36.00 8.34 35.67
N SER G 19 36.98 9.03 36.25
CA SER G 19 37.87 8.37 37.21
C SER G 19 37.15 8.12 38.54
N ARG G 20 36.35 9.08 39.00
CA ARG G 20 35.64 8.89 40.25
C ARG G 20 34.70 7.69 40.16
N ALA G 21 34.02 7.52 39.04
CA ALA G 21 33.31 6.28 38.77
C ALA G 21 34.31 5.20 38.36
N GLY G 22 33.85 3.95 38.38
CA GLY G 22 34.69 2.84 37.98
C GLY G 22 34.62 2.59 36.50
N LEU G 23 34.74 3.64 35.70
CA LEU G 23 34.53 3.59 34.27
C LEU G 23 35.83 3.84 33.52
N GLN G 24 35.78 3.60 32.21
CA GLN G 24 36.84 3.99 31.30
C GLN G 24 36.37 4.90 30.18
N PHE G 25 35.06 5.00 29.96
CA PHE G 25 34.51 5.87 28.94
C PHE G 25 34.54 7.32 29.41
N PRO G 26 34.43 8.28 28.49
CA PRO G 26 34.48 9.70 28.86
C PRO G 26 33.15 10.17 29.40
N VAL G 27 33.09 10.42 30.71
CA VAL G 27 31.86 10.94 31.31
C VAL G 27 31.64 12.39 30.89
N GLY G 28 32.70 13.18 30.83
CA GLY G 28 32.55 14.57 30.42
C GLY G 28 32.01 14.70 29.01
N ARG G 29 32.54 13.90 28.09
CA ARG G 29 32.05 13.94 26.72
C ARG G 29 30.60 13.48 26.65
N VAL G 30 30.23 12.45 27.41
CA VAL G 30 28.85 11.98 27.41
C VAL G 30 27.93 13.09 27.90
N HIS G 31 28.31 13.75 29.00
CA HIS G 31 27.49 14.83 29.54
C HIS G 31 27.37 15.97 28.56
N ARG G 32 28.48 16.34 27.91
CA ARG G 32 28.44 17.43 26.95
C ARG G 32 27.53 17.09 25.78
N LEU G 33 27.61 15.86 25.26
CA LEU G 33 26.75 15.47 24.16
C LEU G 33 25.29 15.47 24.59
N LEU G 34 25.00 14.97 25.79
CA LEU G 34 23.62 14.99 26.28
C LEU G 34 23.10 16.42 26.37
N ARG G 35 23.90 17.32 26.93
CA ARG G 35 23.47 18.71 27.09
C ARG G 35 23.26 19.39 25.75
N LYS G 36 24.17 19.17 24.80
CA LYS G 36 24.08 19.83 23.51
C LYS G 36 23.23 19.05 22.51
N GLY G 37 22.83 17.83 22.83
CA GLY G 37 22.09 17.00 21.90
C GLY G 37 20.64 17.36 21.72
N ASN G 38 20.15 18.39 22.40
CA ASN G 38 18.75 18.80 22.31
C ASN G 38 17.82 17.65 22.71
N TYR G 39 18.07 17.09 23.90
CA TYR G 39 17.24 16.04 24.44
C TYR G 39 16.28 16.53 25.53
N ALA G 40 16.77 17.36 26.45
CA ALA G 40 15.90 17.95 27.46
C ALA G 40 16.52 19.26 27.93
N GLU G 41 15.69 20.11 28.54
CA GLU G 41 16.18 21.38 29.06
C GLU G 41 17.24 21.18 30.13
N ARG G 42 17.02 20.22 31.02
CA ARG G 42 17.95 19.90 32.09
C ARG G 42 18.40 18.45 31.96
N VAL G 43 19.62 18.18 32.39
CA VAL G 43 20.20 16.84 32.34
C VAL G 43 20.74 16.51 33.72
N GLY G 44 20.26 15.40 34.29
CA GLY G 44 20.66 15.04 35.63
C GLY G 44 22.15 14.80 35.73
N ALA G 45 22.73 15.15 36.88
CA ALA G 45 24.15 14.92 37.11
C ALA G 45 24.47 13.44 37.23
N GLY G 46 23.47 12.59 37.42
CA GLY G 46 23.71 11.16 37.49
C GLY G 46 23.52 10.45 36.17
N ALA G 47 22.94 11.13 35.20
CA ALA G 47 22.70 10.49 33.89
C ALA G 47 24.00 10.14 33.19
N PRO G 48 24.99 11.03 33.07
CA PRO G 48 26.19 10.67 32.31
C PRO G 48 26.87 9.44 32.86
N VAL G 49 26.92 9.27 34.17
CA VAL G 49 27.55 8.09 34.74
C VAL G 49 26.86 6.84 34.24
N TYR G 50 25.52 6.84 34.29
CA TYR G 50 24.77 5.66 33.85
C TYR G 50 24.99 5.38 32.38
N LEU G 51 24.87 6.41 31.55
CA LEU G 51 24.98 6.21 30.11
C LEU G 51 26.38 5.74 29.71
N ALA G 52 27.41 6.34 30.30
CA ALA G 52 28.77 5.92 30.03
C ALA G 52 28.99 4.48 30.49
N ALA G 53 28.47 4.12 31.66
CA ALA G 53 28.62 2.76 32.14
C ALA G 53 27.98 1.76 31.18
N VAL G 54 26.79 2.09 30.68
CA VAL G 54 26.09 1.18 29.77
C VAL G 54 26.86 1.06 28.45
N LEU G 55 27.34 2.18 27.91
CA LEU G 55 28.11 2.13 26.69
C LEU G 55 29.37 1.29 26.88
N GLU G 56 30.06 1.49 28.00
CA GLU G 56 31.26 0.71 28.29
C GLU G 56 30.94 -0.77 28.38
N TYR G 57 29.83 -1.12 29.03
CA TYR G 57 29.47 -2.53 29.15
C TYR G 57 29.19 -3.14 27.79
N LEU G 58 28.43 -2.45 26.95
CA LEU G 58 28.10 -3.01 25.64
C LEU G 58 29.34 -3.14 24.76
N THR G 59 30.22 -2.14 24.79
CA THR G 59 31.47 -2.24 24.05
C THR G 59 32.30 -3.40 24.57
N ALA G 60 32.35 -3.58 25.89
CA ALA G 60 33.11 -4.69 26.46
C ALA G 60 32.55 -6.02 26.00
N GLU G 61 31.23 -6.17 26.00
CA GLU G 61 30.63 -7.44 25.58
C GLU G 61 30.96 -7.74 24.12
N ILE G 62 30.72 -6.77 23.23
CA ILE G 62 30.94 -7.01 21.81
C ILE G 62 32.41 -7.28 21.55
N LEU G 63 33.30 -6.53 22.19
CA LEU G 63 34.72 -6.73 21.97
C LEU G 63 35.19 -8.07 22.53
N GLU G 64 34.61 -8.51 23.65
CA GLU G 64 34.96 -9.83 24.18
C GLU G 64 34.58 -10.91 23.19
N LEU G 65 33.37 -10.84 22.64
CA LEU G 65 32.96 -11.85 21.66
C LEU G 65 33.83 -11.79 20.41
N ALA G 66 34.12 -10.58 19.93
CA ALA G 66 34.95 -10.45 18.73
C ALA G 66 36.35 -10.99 18.96
N GLY G 67 36.92 -10.72 20.13
CA GLY G 67 38.23 -11.26 20.45
C GLY G 67 38.22 -12.77 20.56
N ASN G 68 37.16 -13.33 21.13
CA ASN G 68 37.05 -14.79 21.17
C ASN G 68 37.01 -15.35 19.75
N ALA G 69 36.25 -14.72 18.86
CA ALA G 69 36.20 -15.17 17.47
C ALA G 69 37.58 -15.06 16.82
N ALA G 70 38.28 -13.96 17.07
CA ALA G 70 39.61 -13.78 16.50
C ALA G 70 40.55 -14.88 16.97
N ARG G 71 40.55 -15.17 18.27
CA ARG G 71 41.41 -16.22 18.81
C ARG G 71 41.06 -17.56 18.19
N ASP G 72 39.77 -17.85 18.04
CA ASP G 72 39.37 -19.08 17.36
C ASP G 72 39.68 -19.05 15.87
N ASN G 73 40.02 -17.89 15.32
CA ASN G 73 40.36 -17.75 13.91
C ASN G 73 41.85 -17.59 13.67
N LYS G 74 42.68 -17.85 14.67
CA LYS G 74 44.13 -17.75 14.55
C LYS G 74 44.53 -16.40 13.99
N LYS G 75 43.97 -15.34 14.57
CA LYS G 75 44.33 -13.96 14.25
C LYS G 75 44.59 -13.21 15.54
N THR G 76 45.68 -12.45 15.57
CA THR G 76 46.06 -11.70 16.76
C THR G 76 45.35 -10.35 16.87
N ARG G 77 44.51 -10.01 15.89
CA ARG G 77 43.79 -8.74 15.92
C ARG G 77 42.30 -8.98 15.75
N ILE G 78 41.53 -7.91 15.59
CA ILE G 78 40.10 -7.98 15.36
C ILE G 78 39.79 -7.25 14.06
N ILE G 79 39.05 -7.90 13.18
CA ILE G 79 38.72 -7.34 11.87
C ILE G 79 37.21 -7.37 11.68
N PRO G 80 36.65 -6.48 10.86
CA PRO G 80 35.19 -6.38 10.74
C PRO G 80 34.49 -7.73 10.67
N ARG G 81 35.13 -8.71 10.03
CA ARG G 81 34.53 -10.04 9.95
C ARG G 81 34.35 -10.62 11.35
N HIS G 82 35.33 -10.41 12.22
CA HIS G 82 35.21 -10.90 13.59
C HIS G 82 34.03 -10.25 14.30
N LEU G 83 33.86 -8.94 14.11
CA LEU G 83 32.71 -8.26 14.71
C LEU G 83 31.41 -8.81 14.18
N GLN G 84 31.33 -9.06 12.87
CA GLN G 84 30.12 -9.62 12.29
C GLN G 84 29.80 -10.98 12.89
N LEU G 85 30.80 -11.84 12.99
CA LEU G 85 30.58 -13.16 13.57
C LEU G 85 30.14 -13.05 15.02
N ALA G 86 30.78 -12.18 15.80
CA ALA G 86 30.41 -12.03 17.19
C ALA G 86 28.98 -11.54 17.32
N VAL G 87 28.59 -10.58 16.49
CA VAL G 87 27.23 -10.02 16.59
C VAL G 87 26.20 -11.07 16.22
N ARG G 88 26.39 -11.76 15.09
CA ARG G 88 25.36 -12.67 14.61
C ARG G 88 25.32 -13.98 15.39
N ASN G 89 26.45 -14.42 15.93
CA ASN G 89 26.50 -15.69 16.65
C ASN G 89 25.96 -15.59 18.07
N ASP G 90 25.63 -14.38 18.55
CA ASP G 90 25.03 -14.20 19.86
C ASP G 90 23.60 -13.68 19.68
N GLU G 91 22.64 -14.41 20.26
CA GLU G 91 21.24 -14.12 20.01
C GLU G 91 20.83 -12.76 20.55
N GLU G 92 21.22 -12.45 21.79
CA GLU G 92 20.81 -11.19 22.40
C GLU G 92 21.35 -10.00 21.61
N LEU G 93 22.67 -10.03 21.30
CA LEU G 93 23.25 -8.95 20.52
C LEU G 93 22.59 -8.85 19.15
N ASN G 94 22.27 -9.99 18.54
CA ASN G 94 21.62 -9.98 17.25
C ASN G 94 20.28 -9.26 17.33
N LYS G 95 19.48 -9.58 18.34
CA LYS G 95 18.20 -8.88 18.49
C LYS G 95 18.42 -7.40 18.73
N LEU G 96 19.40 -7.04 19.55
CA LEU G 96 19.74 -5.62 19.71
C LEU G 96 20.22 -5.04 18.39
N LEU G 97 20.96 -5.83 17.62
CA LEU G 97 21.61 -5.36 16.40
C LEU G 97 21.02 -6.05 15.17
N GLY G 98 19.70 -6.18 15.14
CA GLY G 98 19.06 -6.85 14.02
C GLY G 98 19.13 -6.04 12.73
N ARG G 99 18.94 -4.73 12.82
CA ARG G 99 18.84 -3.86 11.65
C ARG G 99 20.14 -3.15 11.34
N VAL G 100 21.28 -3.82 11.55
CA VAL G 100 22.58 -3.25 11.27
C VAL G 100 23.30 -4.15 10.28
N THR G 101 24.15 -3.54 9.46
CA THR G 101 25.03 -4.26 8.56
C THR G 101 26.45 -3.73 8.76
N ILE G 102 27.40 -4.66 8.93
CA ILE G 102 28.78 -4.32 9.21
C ILE G 102 29.56 -4.45 7.91
N ALA G 103 30.00 -3.32 7.37
CA ALA G 103 30.72 -3.32 6.11
C ALA G 103 31.96 -4.20 6.20
N GLN G 104 32.20 -4.98 5.16
CA GLN G 104 33.27 -5.97 5.10
C GLN G 104 33.06 -7.10 6.09
N GLY G 105 31.88 -7.19 6.71
CA GLY G 105 31.63 -8.22 7.70
C GLY G 105 31.28 -9.58 7.14
N GLY G 106 30.72 -9.63 5.93
CA GLY G 106 30.32 -10.90 5.36
C GLY G 106 29.01 -11.40 5.96
N VAL G 107 28.78 -12.69 5.79
CA VAL G 107 27.56 -13.35 6.23
C VAL G 107 27.92 -14.61 6.98
N LEU G 108 27.16 -14.91 8.03
CA LEU G 108 27.45 -16.08 8.85
C LEU G 108 27.35 -17.33 7.99
N PRO G 109 28.35 -18.22 8.00
CA PRO G 109 28.28 -19.42 7.16
C PRO G 109 27.18 -20.37 7.63
N ASN G 110 26.34 -20.79 6.69
CA ASN G 110 25.31 -21.78 6.96
C ASN G 110 24.67 -22.18 5.64
N ILE G 111 24.17 -23.43 5.59
CA ILE G 111 23.52 -23.98 4.42
C ILE G 111 22.24 -24.67 4.86
N GLN G 112 21.31 -24.81 3.91
CA GLN G 112 20.03 -25.43 4.22
C GLN G 112 20.21 -26.91 4.52
N SER G 113 19.20 -27.48 5.19
CA SER G 113 19.26 -28.87 5.64
C SER G 113 18.91 -29.86 4.56
N VAL G 114 18.46 -29.41 3.40
CA VAL G 114 18.05 -30.31 2.32
C VAL G 114 19.00 -30.27 1.12
N LEU G 115 19.71 -29.17 0.89
CA LEU G 115 20.62 -29.07 -0.24
C LEU G 115 21.90 -29.88 -0.04
N LEU G 116 22.13 -30.41 1.16
CA LEU G 116 23.32 -31.22 1.39
C LEU G 116 23.21 -32.54 0.62
N PRO G 117 24.35 -33.12 0.24
CA PRO G 117 24.30 -34.39 -0.51
C PRO G 117 23.69 -35.51 0.32
N LYS G 118 23.01 -36.42 -0.37
CA LYS G 118 22.38 -37.57 0.28
C LYS G 118 22.84 -38.87 -0.35
N THR H 29 39.21 20.97 11.29
CA THR H 29 39.17 20.88 12.78
C THR H 29 39.32 19.43 13.24
N ARG H 30 39.87 19.25 14.44
CA ARG H 30 40.01 17.92 14.99
C ARG H 30 38.65 17.30 15.26
N LYS H 31 38.54 16.00 14.99
CA LYS H 31 37.29 15.26 15.14
C LYS H 31 37.30 14.48 16.45
N GLU H 32 36.11 14.03 16.84
CA GLU H 32 35.91 13.29 18.09
C GLU H 32 35.51 11.86 17.78
N SER H 33 36.12 10.91 18.48
CA SER H 33 35.82 9.50 18.31
C SER H 33 36.10 8.78 19.61
N TYR H 34 35.48 7.61 19.77
CA TYR H 34 35.63 6.80 20.96
C TYR H 34 36.78 5.82 20.87
N ALA H 35 37.77 6.09 20.01
CA ALA H 35 38.81 5.10 19.75
C ALA H 35 39.60 4.77 21.01
N ILE H 36 39.97 5.80 21.78
CA ILE H 36 40.89 5.60 22.90
C ILE H 36 40.25 4.68 23.94
N TYR H 37 39.00 4.94 24.28
CA TYR H 37 38.36 4.16 25.34
C TYR H 37 37.98 2.77 24.85
N VAL H 38 37.67 2.63 23.57
CA VAL H 38 37.50 1.30 23.00
C VAL H 38 38.81 0.52 23.12
N TYR H 39 39.93 1.18 22.87
CA TYR H 39 41.23 0.55 23.07
C TYR H 39 41.40 0.13 24.52
N LYS H 40 41.03 1.01 25.45
CA LYS H 40 41.18 0.68 26.87
C LYS H 40 40.37 -0.55 27.22
N VAL H 41 39.12 -0.62 26.76
CA VAL H 41 38.28 -1.78 27.06
C VAL H 41 38.86 -3.03 26.40
N LEU H 42 39.34 -2.91 25.17
CA LEU H 42 39.89 -4.06 24.47
C LEU H 42 41.08 -4.63 25.22
N LYS H 43 42.00 -3.76 25.64
CA LYS H 43 43.14 -4.23 26.42
C LYS H 43 42.71 -4.81 27.75
N GLN H 44 41.70 -4.22 28.40
CA GLN H 44 41.25 -4.74 29.69
C GLN H 44 40.68 -6.15 29.54
N VAL H 45 39.89 -6.40 28.50
CA VAL H 45 39.23 -7.68 28.34
C VAL H 45 40.10 -8.68 27.58
N HIS H 46 40.83 -8.21 26.55
CA HIS H 46 41.71 -9.05 25.75
C HIS H 46 43.08 -8.39 25.75
N PRO H 47 43.91 -8.66 26.76
CA PRO H 47 45.15 -7.88 26.92
C PRO H 47 46.17 -8.10 25.82
N ASP H 48 45.97 -9.08 24.94
CA ASP H 48 46.96 -9.42 23.92
C ASP H 48 46.35 -9.47 22.53
N THR H 49 45.43 -8.56 22.25
CA THR H 49 44.78 -8.49 20.94
C THR H 49 44.73 -7.04 20.48
N GLY H 50 44.84 -6.86 19.16
CA GLY H 50 44.74 -5.57 18.53
C GLY H 50 43.40 -5.38 17.87
N ILE H 51 43.32 -4.34 17.02
CA ILE H 51 42.09 -4.03 16.32
C ILE H 51 42.41 -3.17 15.11
N SER H 52 41.82 -3.50 13.96
CA SER H 52 42.12 -2.79 12.73
C SER H 52 41.30 -1.51 12.65
N SER H 53 41.81 -0.55 11.89
CA SER H 53 41.15 0.75 11.78
C SER H 53 39.69 0.60 11.37
N LYS H 54 39.40 -0.34 10.46
CA LYS H 54 38.02 -0.56 10.05
C LYS H 54 37.17 -1.02 11.23
N ALA H 55 37.70 -1.94 12.04
CA ALA H 55 36.97 -2.39 13.22
C ALA H 55 36.80 -1.25 14.22
N MET H 56 37.80 -0.38 14.34
CA MET H 56 37.67 0.78 15.21
C MET H 56 36.55 1.69 14.73
N SER H 57 36.47 1.94 13.42
CA SER H 57 35.39 2.78 12.89
C SER H 57 34.04 2.14 13.11
N ILE H 58 33.96 0.81 12.95
CA ILE H 58 32.71 0.10 13.17
C ILE H 58 32.27 0.25 14.62
N MET H 59 33.21 0.08 15.55
CA MET H 59 32.89 0.22 16.97
C MET H 59 32.48 1.66 17.29
N ASN H 60 33.15 2.64 16.70
CA ASN H 60 32.78 4.03 16.93
C ASN H 60 31.34 4.29 16.48
N SER H 61 31.01 3.82 15.28
CA SER H 61 29.64 4.00 14.79
C SER H 61 28.63 3.28 15.68
N PHE H 62 28.97 2.07 16.12
CA PHE H 62 28.05 1.31 16.97
C PHE H 62 27.82 2.02 18.30
N VAL H 63 28.88 2.54 18.90
CA VAL H 63 28.74 3.24 20.17
C VAL H 63 27.90 4.49 19.98
N ASN H 64 28.16 5.24 18.91
CA ASN H 64 27.33 6.41 18.62
C ASN H 64 25.87 6.02 18.50
N ASP H 65 25.58 4.94 17.77
CA ASP H 65 24.20 4.54 17.54
C ASP H 65 23.52 4.11 18.83
N VAL H 66 24.22 3.32 19.66
CA VAL H 66 23.62 2.85 20.90
C VAL H 66 23.38 4.03 21.85
N PHE H 67 24.34 4.94 21.93
CA PHE H 67 24.16 6.13 22.76
C PHE H 67 22.98 6.96 22.28
N GLU H 68 22.85 7.13 20.96
CA GLU H 68 21.73 7.88 20.41
C GLU H 68 20.41 7.20 20.76
N ARG H 69 20.35 5.87 20.60
CA ARG H 69 19.13 5.15 20.93
C ARG H 69 18.74 5.36 22.39
N ILE H 70 19.69 5.14 23.30
CA ILE H 70 19.37 5.23 24.73
C ILE H 70 18.95 6.65 25.09
N ALA H 71 19.69 7.64 24.60
CA ALA H 71 19.39 9.03 24.96
C ALA H 71 18.07 9.49 24.38
N GLY H 72 17.77 9.11 23.13
CA GLY H 72 16.49 9.47 22.56
C GLY H 72 15.33 8.84 23.28
N GLU H 73 15.47 7.56 23.65
CA GLU H 73 14.40 6.91 24.40
C GLU H 73 14.23 7.58 25.77
N ALA H 74 15.32 7.97 26.41
CA ALA H 74 15.23 8.68 27.68
C ALA H 74 14.50 10.00 27.51
N SER H 75 14.82 10.74 26.44
CA SER H 75 14.14 12.01 26.19
C SER H 75 12.65 11.79 25.96
N ARG H 76 12.30 10.75 25.22
CA ARG H 76 10.89 10.44 25.00
C ARG H 76 10.20 10.11 26.32
N LEU H 77 10.85 9.32 27.16
CA LEU H 77 10.28 8.99 28.46
C LEU H 77 10.04 10.25 29.28
N ALA H 78 11.03 11.15 29.30
CA ALA H 78 10.86 12.39 30.05
C ALA H 78 9.72 13.22 29.49
N HIS H 79 9.63 13.33 28.16
CA HIS H 79 8.58 14.14 27.57
C HIS H 79 7.20 13.57 27.85
N TYR H 80 7.08 12.24 27.88
CA TYR H 80 5.77 11.63 28.08
C TYR H 80 5.17 12.01 29.43
N ASN H 81 5.99 12.02 30.48
CA ASN H 81 5.52 12.31 31.83
C ASN H 81 5.60 13.79 32.17
N LYS H 82 5.83 14.65 31.18
CA LYS H 82 5.92 16.10 31.34
C LYS H 82 7.15 16.53 32.13
N ARG H 83 8.02 15.61 32.52
CA ARG H 83 9.27 15.98 33.17
C ARG H 83 10.10 16.85 32.24
N SER H 84 11.13 17.49 32.81
CA SER H 84 12.01 18.37 32.07
C SER H 84 13.48 18.02 32.23
N THR H 85 13.80 16.97 32.98
CA THR H 85 15.18 16.59 33.25
C THR H 85 15.37 15.12 32.91
N ILE H 86 16.44 14.81 32.18
CA ILE H 86 16.77 13.42 31.83
C ILE H 86 17.64 12.91 32.97
N THR H 87 16.99 12.43 34.01
CA THR H 87 17.68 11.91 35.18
C THR H 87 18.01 10.45 34.99
N SER H 88 18.81 9.92 35.92
CA SER H 88 19.24 8.52 35.81
C SER H 88 18.06 7.57 35.69
N ARG H 89 16.91 7.93 36.25
CA ARG H 89 15.73 7.09 36.12
C ARG H 89 15.31 6.97 34.66
N GLU H 90 15.32 8.09 33.94
CA GLU H 90 14.97 8.06 32.53
C GLU H 90 15.91 7.15 31.76
N ILE H 91 17.22 7.25 32.04
CA ILE H 91 18.19 6.45 31.32
C ILE H 91 18.00 4.98 31.64
N GLN H 92 17.75 4.65 32.90
CA GLN H 92 17.52 3.26 33.28
C GLN H 92 16.31 2.69 32.56
N THR H 93 15.20 3.44 32.54
CA THR H 93 14.01 2.95 31.86
C THR H 93 14.26 2.80 30.37
N ALA H 94 15.00 3.74 29.77
CA ALA H 94 15.31 3.64 28.35
C ALA H 94 16.13 2.39 28.05
N VAL H 95 17.14 2.11 28.87
CA VAL H 95 17.97 0.94 28.62
C VAL H 95 17.17 -0.34 28.85
N ARG H 96 16.18 -0.31 29.74
CA ARG H 96 15.33 -1.47 29.91
C ARG H 96 14.38 -1.65 28.74
N LEU H 97 13.96 -0.56 28.10
CA LEU H 97 13.09 -0.66 26.95
C LEU H 97 13.84 -1.07 25.69
N LEU H 98 15.12 -0.72 25.58
CA LEU H 98 15.87 -0.98 24.34
C LEU H 98 16.50 -2.38 24.33
N LEU H 99 17.38 -2.67 25.28
CA LEU H 99 18.12 -3.91 25.23
C LEU H 99 17.23 -5.10 25.59
N PRO H 100 17.52 -6.29 25.03
CA PRO H 100 16.75 -7.48 25.41
C PRO H 100 17.05 -7.93 26.83
N GLY H 101 16.48 -9.07 27.24
CA GLY H 101 16.47 -9.47 28.63
C GLY H 101 17.81 -9.47 29.33
N GLU H 102 18.69 -10.41 28.98
CA GLU H 102 19.96 -10.53 29.69
C GLU H 102 20.82 -9.28 29.49
N LEU H 103 20.87 -8.78 28.26
CA LEU H 103 21.63 -7.57 28.00
C LEU H 103 21.10 -6.40 28.82
N ALA H 104 19.77 -6.26 28.87
CA ALA H 104 19.18 -5.17 29.63
C ALA H 104 19.51 -5.30 31.11
N LYS H 105 19.40 -6.51 31.66
CA LYS H 105 19.67 -6.69 33.08
C LYS H 105 21.12 -6.34 33.39
N HIS H 106 22.06 -6.84 32.59
CA HIS H 106 23.47 -6.55 32.87
C HIS H 106 23.77 -5.07 32.71
N ALA H 107 23.23 -4.43 31.66
CA ALA H 107 23.49 -3.02 31.45
C ALA H 107 22.94 -2.17 32.58
N VAL H 108 21.71 -2.45 33.01
CA VAL H 108 21.11 -1.68 34.10
C VAL H 108 21.89 -1.90 35.39
N SER H 109 22.32 -3.14 35.64
CA SER H 109 23.10 -3.40 36.84
C SER H 109 24.40 -2.60 36.83
N GLU H 110 25.10 -2.60 35.69
CA GLU H 110 26.36 -1.86 35.61
C GLU H 110 26.13 -0.36 35.77
N GLY H 111 25.05 0.15 35.19
CA GLY H 111 24.74 1.56 35.36
C GLY H 111 24.48 1.93 36.80
N THR H 112 23.69 1.11 37.50
CA THR H 112 23.43 1.39 38.91
C THR H 112 24.72 1.32 39.72
N LYS H 113 25.58 0.34 39.43
CA LYS H 113 26.84 0.25 40.15
C LYS H 113 27.68 1.49 39.91
N ALA H 114 27.73 1.97 38.67
CA ALA H 114 28.50 3.17 38.35
C ALA H 114 27.97 4.38 39.13
N VAL H 115 26.65 4.56 39.12
CA VAL H 115 26.09 5.72 39.82
C VAL H 115 26.35 5.62 41.32
N THR H 116 26.21 4.42 41.88
CA THR H 116 26.46 4.23 43.30
C THR H 116 27.90 4.57 43.65
N LYS H 117 28.84 4.06 42.88
CA LYS H 117 30.25 4.36 43.14
C LYS H 117 30.59 5.81 42.88
N TYR H 118 29.80 6.51 42.06
CA TYR H 118 30.09 7.92 41.78
C TYR H 118 29.57 8.81 42.90
N THR H 119 28.25 8.80 43.13
CA THR H 119 27.69 9.68 44.15
C THR H 119 28.28 9.40 45.52
N SER H 120 28.64 8.14 45.79
CA SER H 120 29.25 7.82 47.08
C SER H 120 30.58 8.55 47.27
N ALA H 121 31.27 8.87 46.18
CA ALA H 121 32.55 9.55 46.26
C ALA H 121 32.90 10.20 44.92
N SER K 2 -13.79 -4.69 -35.45
CA SER K 2 -14.78 -5.75 -35.59
C SER K 2 -14.35 -7.00 -34.83
N VAL K 3 -13.57 -6.82 -33.76
CA VAL K 3 -13.18 -7.95 -32.94
C VAL K 3 -14.44 -8.57 -32.35
N ASN K 4 -14.44 -9.90 -32.26
CA ASN K 4 -15.62 -10.63 -31.82
C ASN K 4 -15.68 -10.70 -30.30
N TYR K 5 -16.87 -10.50 -29.75
CA TYR K 5 -17.13 -10.72 -28.32
C TYR K 5 -17.74 -12.09 -28.09
N ALA K 6 -17.09 -13.11 -28.64
CA ALA K 6 -17.49 -14.50 -28.44
C ALA K 6 -16.43 -15.27 -27.65
N ALA K 7 -15.19 -15.28 -28.12
CA ALA K 7 -14.08 -15.75 -27.29
C ALA K 7 -13.68 -14.71 -26.26
N GLY K 8 -13.86 -13.43 -26.57
CA GLY K 8 -13.54 -12.39 -25.61
C GLY K 8 -14.39 -12.47 -24.36
N LEU K 9 -15.69 -12.71 -24.53
CA LEU K 9 -16.57 -12.83 -23.37
C LEU K 9 -16.14 -13.97 -22.47
N SER K 10 -16.24 -15.21 -22.96
CA SER K 10 -15.78 -16.38 -22.23
C SER K 10 -15.90 -17.63 -23.09
N PRO K 11 -15.12 -18.67 -22.81
CA PRO K 11 -15.33 -19.93 -23.54
C PRO K 11 -16.73 -20.48 -23.40
N TYR K 12 -17.33 -20.34 -22.22
CA TYR K 12 -18.70 -20.79 -22.01
C TYR K 12 -19.65 -20.00 -22.89
N ALA K 13 -20.30 -20.70 -23.83
CA ALA K 13 -21.21 -20.05 -24.77
C ALA K 13 -22.34 -21.05 -25.08
N ASP K 14 -23.43 -20.92 -24.32
CA ASP K 14 -24.60 -21.79 -24.47
C ASP K 14 -25.64 -21.16 -25.39
N LYS K 15 -25.21 -20.80 -26.60
CA LYS K 15 -26.11 -20.13 -27.52
C LYS K 15 -27.21 -21.08 -28.00
N GLY K 16 -26.83 -22.26 -28.45
CA GLY K 16 -27.78 -23.24 -28.93
C GLY K 16 -28.71 -22.68 -29.98
N LYS K 17 -28.18 -21.80 -30.84
CA LYS K 17 -28.99 -21.18 -31.89
C LYS K 17 -28.07 -20.88 -33.07
N CYS K 18 -28.12 -21.74 -34.09
CA CYS K 18 -27.41 -21.51 -35.33
C CYS K 18 -28.26 -21.75 -36.57
N GLY K 19 -29.33 -22.53 -36.48
CA GLY K 19 -30.25 -22.67 -37.60
C GLY K 19 -31.28 -21.57 -37.53
N LEU K 20 -31.04 -20.50 -38.29
CA LEU K 20 -31.84 -19.29 -38.22
C LEU K 20 -32.33 -18.99 -39.63
N PRO K 21 -33.48 -19.54 -40.03
CA PRO K 21 -33.99 -19.27 -41.37
C PRO K 21 -34.28 -17.77 -41.53
N GLU K 22 -33.53 -17.13 -42.41
CA GLU K 22 -33.65 -15.69 -42.59
C GLU K 22 -34.96 -15.36 -43.29
N ILE K 23 -36.07 -15.49 -42.56
CA ILE K 23 -37.37 -15.17 -43.12
C ILE K 23 -37.38 -13.71 -43.55
N PHE K 24 -37.87 -13.45 -44.76
CA PHE K 24 -38.08 -12.11 -45.26
C PHE K 24 -39.55 -11.94 -45.63
N ASP K 25 -40.04 -10.73 -45.47
CA ASP K 25 -41.44 -10.45 -45.71
C ASP K 25 -41.67 -10.16 -47.18
N PRO K 26 -42.87 -10.44 -47.71
CA PRO K 26 -43.22 -9.93 -49.02
C PRO K 26 -43.17 -8.40 -49.00
N PRO K 27 -42.77 -7.78 -50.11
CA PRO K 27 -42.67 -6.31 -50.09
C PRO K 27 -43.97 -5.63 -49.70
N GLU K 28 -45.11 -6.11 -50.18
CA GLU K 28 -46.38 -5.46 -49.87
C GLU K 28 -46.75 -5.64 -48.39
N GLU K 29 -46.57 -6.85 -47.86
CA GLU K 29 -46.89 -7.08 -46.45
C GLU K 29 -45.96 -6.26 -45.56
N LEU K 30 -44.68 -6.18 -45.91
CA LEU K 30 -43.75 -5.35 -45.14
C LEU K 30 -44.15 -3.88 -45.23
N GLU K 31 -44.57 -3.43 -46.40
CA GLU K 31 -45.04 -2.05 -46.54
C GLU K 31 -46.22 -1.79 -45.61
N ARG K 32 -47.18 -2.71 -45.60
CA ARG K 32 -48.34 -2.53 -44.72
C ARG K 32 -47.94 -2.54 -43.26
N LYS K 33 -47.03 -3.44 -42.88
CA LYS K 33 -46.65 -3.53 -41.47
C LYS K 33 -45.90 -2.28 -41.02
N VAL K 34 -44.98 -1.78 -41.85
CA VAL K 34 -44.30 -0.54 -41.51
C VAL K 34 -45.29 0.61 -41.50
N TRP K 35 -46.29 0.59 -42.39
CA TRP K 35 -47.32 1.63 -42.38
C TRP K 35 -48.04 1.66 -41.05
N GLU K 36 -48.51 0.50 -40.58
CA GLU K 36 -49.23 0.47 -39.30
C GLU K 36 -48.31 0.86 -38.15
N LEU K 37 -47.06 0.42 -38.18
CA LEU K 37 -46.11 0.83 -37.15
C LEU K 37 -45.95 2.35 -37.14
N ALA K 38 -45.86 2.96 -38.33
CA ALA K 38 -45.77 4.42 -38.41
C ALA K 38 -47.02 5.08 -37.87
N ARG K 39 -48.20 4.54 -38.21
CA ARG K 39 -49.43 5.10 -37.71
C ARG K 39 -49.45 5.09 -36.19
N LEU K 40 -48.99 3.99 -35.59
CA LEU K 40 -48.95 3.90 -34.13
C LEU K 40 -47.93 4.89 -33.55
N VAL K 41 -46.72 4.89 -34.09
CA VAL K 41 -45.63 5.64 -33.47
C VAL K 41 -45.84 7.13 -33.61
N TRP K 42 -46.33 7.59 -34.76
CA TRP K 42 -46.45 9.03 -34.99
C TRP K 42 -47.31 9.70 -33.93
N GLN K 43 -48.21 8.94 -33.30
CA GLN K 43 -49.03 9.45 -32.20
C GLN K 43 -48.54 8.99 -30.83
N SER K 44 -47.88 7.83 -30.74
CA SER K 44 -47.36 7.38 -29.46
C SER K 44 -46.37 8.40 -28.93
N SER K 45 -46.57 8.82 -27.67
CA SER K 45 -45.74 9.86 -27.09
C SER K 45 -44.43 9.30 -26.56
N SER K 46 -44.51 8.39 -25.58
CA SER K 46 -43.32 7.80 -24.97
C SER K 46 -42.83 6.68 -25.86
N VAL K 47 -41.79 6.95 -26.65
CA VAL K 47 -41.23 5.99 -27.59
C VAL K 47 -39.76 5.78 -27.23
N VAL K 48 -39.41 4.53 -26.92
CA VAL K 48 -38.04 4.16 -26.57
C VAL K 48 -37.65 2.96 -27.43
N PHE K 49 -36.48 3.05 -28.06
CA PHE K 49 -36.03 2.04 -28.99
C PHE K 49 -35.06 1.07 -28.32
N HIS K 50 -34.70 0.03 -29.05
CA HIS K 50 -33.70 -0.93 -28.59
C HIS K 50 -32.95 -1.44 -29.81
N THR K 51 -31.68 -1.06 -29.92
CA THR K 51 -30.84 -1.44 -31.06
C THR K 51 -29.92 -2.58 -30.64
N GLY K 52 -29.95 -3.66 -31.42
CA GLY K 52 -29.11 -4.81 -31.18
C GLY K 52 -28.00 -4.92 -32.21
N ALA K 53 -27.36 -6.09 -32.21
CA ALA K 53 -26.25 -6.32 -33.13
C ALA K 53 -26.76 -6.75 -34.50
N GLY K 54 -27.70 -5.99 -35.05
CA GLY K 54 -28.14 -6.18 -36.42
C GLY K 54 -28.03 -4.89 -37.19
N ILE K 55 -28.11 -3.76 -36.48
CA ILE K 55 -27.98 -2.47 -37.13
C ILE K 55 -26.59 -2.32 -37.73
N SER K 56 -25.56 -2.66 -36.96
CA SER K 56 -24.18 -2.52 -37.41
C SER K 56 -23.78 -3.57 -38.43
N THR K 57 -24.61 -4.60 -38.63
CA THR K 57 -24.31 -5.57 -39.69
C THR K 57 -24.27 -4.87 -41.04
N ALA K 58 -25.19 -3.94 -41.29
CA ALA K 58 -25.10 -3.12 -42.49
C ALA K 58 -23.82 -2.30 -42.49
N SER K 59 -23.40 -1.79 -41.34
CA SER K 59 -22.12 -1.08 -41.26
C SER K 59 -20.98 -1.95 -41.76
N GLY K 60 -20.96 -3.22 -41.35
CA GLY K 60 -19.93 -4.13 -41.78
C GLY K 60 -19.50 -5.11 -40.70
N ILE K 61 -19.74 -4.78 -39.45
CA ILE K 61 -19.38 -5.68 -38.35
C ILE K 61 -20.43 -6.78 -38.27
N PRO K 62 -20.02 -8.05 -38.28
CA PRO K 62 -21.01 -9.13 -38.35
C PRO K 62 -21.85 -9.23 -37.08
N ASP K 63 -23.02 -9.82 -37.24
CA ASP K 63 -23.90 -10.09 -36.11
C ASP K 63 -23.38 -11.32 -35.36
N PHE K 64 -24.19 -11.84 -34.43
CA PHE K 64 -23.78 -12.90 -33.53
C PHE K 64 -24.49 -14.22 -33.78
N ARG K 65 -25.82 -14.21 -33.93
CA ARG K 65 -26.59 -15.43 -34.07
C ARG K 65 -26.92 -15.78 -35.52
N GLY K 66 -27.00 -14.79 -36.40
CA GLY K 66 -27.43 -15.03 -37.76
C GLY K 66 -26.60 -16.06 -38.48
N PRO K 67 -26.98 -16.40 -39.70
CA PRO K 67 -26.21 -17.39 -40.46
C PRO K 67 -24.74 -17.03 -40.57
N HIS K 68 -24.44 -15.74 -40.75
CA HIS K 68 -23.08 -15.24 -40.72
C HIS K 68 -22.63 -14.88 -39.31
N GLY K 69 -23.41 -15.23 -38.30
CA GLY K 69 -23.05 -14.86 -36.94
C GLY K 69 -21.70 -15.40 -36.54
N VAL K 70 -20.96 -14.61 -35.76
CA VAL K 70 -19.64 -15.04 -35.31
C VAL K 70 -19.76 -16.31 -34.48
N TRP K 71 -20.72 -16.33 -33.55
CA TRP K 71 -20.93 -17.52 -32.73
C TRP K 71 -21.38 -18.69 -33.60
N THR K 72 -22.25 -18.43 -34.58
CA THR K 72 -22.72 -19.50 -35.45
C THR K 72 -21.56 -20.16 -36.19
N MET K 73 -20.68 -19.33 -36.77
CA MET K 73 -19.53 -19.87 -37.48
C MET K 73 -18.59 -20.61 -36.52
N GLU K 74 -18.33 -20.02 -35.35
CA GLU K 74 -17.47 -20.70 -34.37
C GLU K 74 -18.08 -22.02 -33.91
N GLU K 75 -19.39 -22.16 -34.03
CA GLU K 75 -20.05 -23.41 -33.68
C GLU K 75 -19.92 -24.44 -34.80
N ARG K 76 -20.39 -24.09 -36.00
CA ARG K 76 -20.33 -25.01 -37.14
C ARG K 76 -19.02 -24.79 -37.89
N GLY K 77 -18.02 -25.57 -37.51
CA GLY K 77 -16.71 -25.48 -38.12
C GLY K 77 -15.88 -24.36 -37.54
N LEU K 78 -15.11 -23.67 -38.38
CA LEU K 78 -14.29 -22.55 -37.93
C LEU K 78 -14.05 -21.66 -39.14
N ALA K 79 -14.77 -20.54 -39.20
CA ALA K 79 -14.62 -19.62 -40.32
C ALA K 79 -15.16 -18.23 -39.96
N PRO K 80 -14.49 -17.52 -39.05
CA PRO K 80 -14.93 -16.16 -38.70
C PRO K 80 -14.41 -15.14 -39.71
N LYS K 81 -15.34 -14.54 -40.46
CA LYS K 81 -15.01 -13.56 -41.49
C LYS K 81 -15.40 -12.17 -41.01
N PHE K 82 -14.47 -11.22 -41.14
CA PHE K 82 -14.70 -9.83 -40.78
C PHE K 82 -14.19 -8.92 -41.89
N ASP K 83 -14.76 -7.72 -41.97
CA ASP K 83 -14.45 -6.78 -43.04
C ASP K 83 -13.94 -5.44 -42.52
N THR K 84 -14.54 -4.94 -41.46
CA THR K 84 -14.34 -3.56 -41.00
C THR K 84 -13.75 -3.55 -39.60
N THR K 85 -13.55 -2.34 -39.08
CA THR K 85 -13.03 -2.13 -37.74
C THR K 85 -13.82 -1.03 -37.06
N PHE K 86 -13.94 -1.14 -35.73
CA PHE K 86 -14.62 -0.11 -34.96
C PHE K 86 -14.08 1.27 -35.30
N GLU K 87 -12.76 1.39 -35.39
CA GLU K 87 -12.15 2.68 -35.70
C GLU K 87 -12.61 3.19 -37.05
N SER K 88 -12.64 2.31 -38.05
CA SER K 88 -13.15 2.65 -39.37
C SER K 88 -14.63 2.36 -39.52
N ALA K 89 -15.29 1.88 -38.47
CA ALA K 89 -16.71 1.54 -38.55
C ALA K 89 -17.53 2.76 -38.97
N ARG K 90 -18.09 2.69 -40.16
CA ARG K 90 -18.94 3.76 -40.65
C ARG K 90 -20.35 3.61 -40.08
N PRO K 91 -20.93 4.64 -39.48
CA PRO K 91 -22.28 4.49 -38.93
C PRO K 91 -23.26 4.07 -40.00
N THR K 92 -24.22 3.24 -39.61
CA THR K 92 -25.34 2.93 -40.49
C THR K 92 -26.34 4.08 -40.49
N GLN K 93 -27.09 4.18 -41.59
CA GLN K 93 -28.06 5.26 -41.73
C GLN K 93 -29.04 5.27 -40.56
N THR K 94 -29.28 4.10 -39.96
CA THR K 94 -30.24 4.01 -38.85
C THR K 94 -29.78 4.83 -37.65
N HIS K 95 -28.47 4.90 -37.40
CA HIS K 95 -27.99 5.69 -36.27
C HIS K 95 -28.35 7.16 -36.44
N MET K 96 -28.11 7.70 -37.64
CA MET K 96 -28.50 9.09 -37.89
C MET K 96 -30.01 9.26 -37.86
N ALA K 97 -30.75 8.27 -38.36
CA ALA K 97 -32.21 8.33 -38.26
C ALA K 97 -32.63 8.48 -36.81
N LEU K 98 -32.06 7.66 -35.93
CA LEU K 98 -32.40 7.74 -34.51
C LEU K 98 -31.97 9.08 -33.92
N VAL K 99 -30.81 9.59 -34.34
CA VAL K 99 -30.36 10.89 -33.86
C VAL K 99 -31.38 11.97 -34.21
N GLN K 100 -31.85 11.95 -35.46
CA GLN K 100 -32.86 12.92 -35.87
C GLN K 100 -34.15 12.73 -35.07
N LEU K 101 -34.56 11.48 -34.86
CA LEU K 101 -35.79 11.22 -34.11
C LEU K 101 -35.69 11.79 -32.70
N GLU K 102 -34.53 11.63 -32.06
CA GLU K 102 -34.31 12.26 -30.76
C GLU K 102 -34.36 13.78 -30.89
N ARG K 103 -33.74 14.33 -31.93
CA ARG K 103 -33.71 15.78 -32.10
C ARG K 103 -35.13 16.33 -32.12
N VAL K 104 -36.02 15.71 -32.89
CA VAL K 104 -37.41 16.15 -32.94
C VAL K 104 -38.19 15.80 -31.68
N GLY K 105 -37.60 15.00 -30.79
CA GLY K 105 -38.22 14.67 -29.53
C GLY K 105 -39.17 13.48 -29.57
N LEU K 106 -39.44 12.92 -30.75
CA LEU K 106 -40.31 11.76 -30.83
C LEU K 106 -39.71 10.57 -30.08
N LEU K 107 -38.42 10.33 -30.28
CA LEU K 107 -37.73 9.22 -29.62
C LEU K 107 -37.46 9.62 -28.17
N ARG K 108 -38.32 9.14 -27.26
CA ARG K 108 -38.15 9.48 -25.85
C ARG K 108 -36.82 8.99 -25.31
N PHE K 109 -36.43 7.77 -25.64
CA PHE K 109 -35.25 7.17 -25.04
C PHE K 109 -34.66 6.15 -26.01
N LEU K 110 -33.51 5.61 -25.65
CA LEU K 110 -32.86 4.56 -26.42
C LEU K 110 -32.07 3.68 -25.46
N VAL K 111 -32.24 2.36 -25.60
CA VAL K 111 -31.50 1.39 -24.80
C VAL K 111 -30.95 0.36 -25.77
N SER K 112 -29.71 0.56 -26.22
CA SER K 112 -29.06 -0.37 -27.12
C SER K 112 -28.27 -1.40 -26.33
N GLN K 113 -27.97 -2.52 -27.01
CA GLN K 113 -27.13 -3.56 -26.42
C GLN K 113 -25.92 -3.88 -27.29
N ASN K 114 -25.73 -3.14 -28.39
CA ASN K 114 -24.54 -3.35 -29.21
C ASN K 114 -23.30 -2.93 -28.42
N VAL K 115 -22.14 -3.10 -29.05
CA VAL K 115 -20.88 -2.80 -28.39
C VAL K 115 -20.01 -1.82 -29.16
N ASP K 116 -20.22 -1.62 -30.45
CA ASP K 116 -19.38 -0.70 -31.21
C ASP K 116 -19.60 0.75 -30.80
N GLY K 117 -20.67 1.04 -30.07
CA GLY K 117 -20.91 2.41 -29.64
C GLY K 117 -21.15 3.37 -30.79
N LEU K 118 -21.56 2.85 -31.95
CA LEU K 118 -21.82 3.73 -33.08
C LEU K 118 -22.90 4.76 -32.75
N HIS K 119 -23.78 4.43 -31.81
CA HIS K 119 -24.76 5.43 -31.36
C HIS K 119 -24.07 6.58 -30.66
N VAL K 120 -23.09 6.28 -29.80
CA VAL K 120 -22.32 7.34 -29.15
C VAL K 120 -21.56 8.14 -30.19
N ARG K 121 -20.94 7.46 -31.15
CA ARG K 121 -20.17 8.15 -32.18
C ARG K 121 -21.05 8.93 -33.14
N SER K 122 -22.34 8.64 -33.20
CA SER K 122 -23.26 9.33 -34.09
C SER K 122 -23.81 10.61 -33.49
N GLY K 123 -23.46 10.93 -32.25
CA GLY K 123 -23.94 12.13 -31.61
C GLY K 123 -25.20 11.96 -30.81
N PHE K 124 -25.57 10.73 -30.46
CA PHE K 124 -26.76 10.52 -29.65
C PHE K 124 -26.48 10.94 -28.21
N PRO K 125 -27.30 11.83 -27.62
CA PRO K 125 -27.00 12.31 -26.26
C PRO K 125 -26.74 11.18 -25.27
N ARG K 126 -25.53 11.15 -24.70
CA ARG K 126 -25.18 10.08 -23.77
C ARG K 126 -26.15 10.00 -22.60
N ASP K 127 -26.76 11.11 -22.21
CA ASP K 127 -27.73 11.08 -21.13
C ASP K 127 -29.00 10.32 -21.49
N LYS K 128 -29.19 10.00 -22.77
CA LYS K 128 -30.40 9.33 -23.24
C LYS K 128 -30.19 7.84 -23.53
N LEU K 129 -28.95 7.39 -23.70
CA LEU K 129 -28.68 5.99 -23.98
C LEU K 129 -28.39 5.23 -22.71
N ALA K 130 -28.46 3.91 -22.81
CA ALA K 130 -28.07 3.01 -21.73
C ALA K 130 -27.30 1.87 -22.41
N GLU K 131 -25.99 2.07 -22.55
CA GLU K 131 -25.12 1.06 -23.17
C GLU K 131 -24.99 -0.09 -22.18
N LEU K 132 -26.05 -0.90 -22.10
CA LEU K 132 -26.16 -1.88 -21.03
C LEU K 132 -24.94 -2.79 -21.00
N HIS K 133 -24.57 -3.36 -22.14
CA HIS K 133 -23.40 -4.23 -22.17
C HIS K 133 -22.10 -3.44 -22.13
N GLY K 134 -22.07 -2.26 -22.74
CA GLY K 134 -20.96 -1.36 -22.60
C GLY K 134 -20.63 -0.67 -23.91
N ASN K 135 -19.40 -0.17 -24.00
CA ASN K 135 -18.94 0.55 -25.18
C ASN K 135 -17.42 0.61 -25.19
N MET K 136 -16.80 0.18 -26.29
CA MET K 136 -15.34 0.16 -26.36
C MET K 136 -14.76 1.54 -26.15
N PHE K 137 -15.37 2.56 -26.72
CA PHE K 137 -14.81 3.90 -26.69
C PHE K 137 -15.00 4.60 -25.35
N VAL K 138 -15.41 3.87 -24.31
CA VAL K 138 -15.65 4.44 -22.99
C VAL K 138 -14.90 3.59 -21.96
N GLU K 139 -14.11 4.25 -21.12
CA GLU K 139 -13.49 3.62 -19.96
C GLU K 139 -13.94 4.37 -18.72
N GLU K 140 -14.35 3.62 -17.71
CA GLU K 140 -14.91 4.19 -16.49
C GLU K 140 -13.91 4.07 -15.35
N CYS K 141 -13.78 5.15 -14.58
CA CYS K 141 -12.85 5.14 -13.47
C CYS K 141 -13.29 4.15 -12.40
N ALA K 142 -12.32 3.59 -11.70
CA ALA K 142 -12.59 2.64 -10.64
C ALA K 142 -12.77 3.29 -9.27
N LYS K 143 -12.54 4.61 -9.16
CA LYS K 143 -12.64 5.32 -7.89
C LYS K 143 -13.78 6.32 -7.87
N CYS K 144 -13.82 7.25 -8.83
CA CYS K 144 -14.89 8.23 -8.91
C CYS K 144 -16.04 7.78 -9.81
N LYS K 145 -15.92 6.61 -10.43
CA LYS K 145 -16.98 6.07 -11.31
C LYS K 145 -17.28 7.02 -12.46
N THR K 146 -16.30 7.84 -12.86
CA THR K 146 -16.48 8.75 -13.96
C THR K 146 -16.20 8.05 -15.29
N GLN K 147 -16.69 8.66 -16.37
CA GLN K 147 -16.57 8.12 -17.71
C GLN K 147 -15.68 9.00 -18.57
N TYR K 148 -15.02 8.39 -19.55
CA TYR K 148 -14.18 9.09 -20.51
C TYR K 148 -14.45 8.50 -21.89
N VAL K 149 -15.21 9.22 -22.71
CA VAL K 149 -15.47 8.80 -24.08
C VAL K 149 -14.24 9.16 -24.91
N ARG K 150 -13.40 8.17 -25.19
CA ARG K 150 -12.17 8.38 -25.91
C ARG K 150 -12.46 8.37 -27.41
N ASP K 151 -11.40 8.43 -28.22
CA ASP K 151 -11.51 8.34 -29.66
C ASP K 151 -10.88 7.08 -30.24
N THR K 152 -10.04 6.38 -29.49
CA THR K 152 -9.43 5.14 -29.91
C THR K 152 -9.81 4.04 -28.91
N VAL K 153 -10.12 2.86 -29.44
CA VAL K 153 -10.60 1.78 -28.59
C VAL K 153 -9.65 1.56 -27.42
N VAL K 154 -10.22 1.38 -26.24
CA VAL K 154 -9.40 1.12 -25.05
C VAL K 154 -8.62 -0.17 -25.24
N GLY K 155 -9.27 -1.21 -25.74
CA GLY K 155 -8.59 -2.46 -26.03
C GLY K 155 -8.43 -3.36 -24.83
N THR K 156 -9.54 -3.70 -24.19
CA THR K 156 -9.51 -4.64 -23.08
C THR K 156 -10.91 -5.23 -22.93
N MET K 157 -10.98 -6.40 -22.29
CA MET K 157 -12.24 -7.10 -22.08
C MET K 157 -12.30 -7.62 -20.67
N GLY K 158 -13.53 -7.79 -20.18
CA GLY K 158 -13.75 -8.34 -18.86
C GLY K 158 -13.66 -7.35 -17.73
N LEU K 159 -13.89 -6.06 -17.99
CA LEU K 159 -13.86 -5.03 -16.95
C LEU K 159 -12.49 -5.02 -16.26
N LYS K 160 -11.46 -4.72 -17.03
CA LYS K 160 -10.09 -4.72 -16.55
C LYS K 160 -9.41 -3.42 -16.91
N ALA K 161 -8.18 -3.25 -16.43
CA ALA K 161 -7.45 -2.00 -16.62
C ALA K 161 -7.14 -1.78 -18.09
N THR K 162 -7.30 -0.53 -18.53
CA THR K 162 -6.94 -0.14 -19.89
C THR K 162 -5.68 0.70 -19.94
N GLY K 163 -4.94 0.81 -18.84
CA GLY K 163 -3.64 1.42 -18.86
C GLY K 163 -3.61 2.92 -18.72
N ARG K 164 -4.66 3.54 -18.19
CA ARG K 164 -4.69 4.98 -17.99
C ARG K 164 -5.29 5.28 -16.62
N LEU K 165 -4.72 6.27 -15.95
CA LEU K 165 -5.19 6.69 -14.63
C LEU K 165 -6.12 7.90 -14.76
N CYS K 166 -7.02 8.03 -13.81
CA CYS K 166 -8.01 9.10 -13.86
C CYS K 166 -7.33 10.46 -13.79
N THR K 167 -7.95 11.45 -14.41
CA THR K 167 -7.39 12.80 -14.53
C THR K 167 -8.44 13.85 -14.21
N VAL K 168 -9.16 13.66 -13.11
CA VAL K 168 -10.13 14.63 -12.61
C VAL K 168 -9.55 15.27 -11.36
N ALA K 169 -9.52 16.60 -11.34
CA ALA K 169 -8.82 17.35 -10.30
C ALA K 169 -9.80 17.76 -9.21
N LYS K 170 -9.49 17.37 -7.98
CA LYS K 170 -10.25 17.83 -6.82
C LYS K 170 -9.86 19.25 -6.46
N ALA K 171 -10.73 19.92 -5.72
CA ALA K 171 -10.47 21.29 -5.29
C ALA K 171 -9.45 21.29 -4.16
N ARG K 172 -9.12 22.48 -3.66
CA ARG K 172 -8.15 22.65 -2.58
C ARG K 172 -6.82 22.01 -2.96
N GLY K 173 -6.41 22.23 -4.21
CA GLY K 173 -5.12 21.76 -4.69
C GLY K 173 -4.74 20.38 -4.21
N LEU K 174 -5.71 19.47 -4.18
CA LEU K 174 -5.46 18.09 -3.77
C LEU K 174 -5.03 17.25 -4.97
N ARG K 175 -4.51 16.07 -4.67
CA ARG K 175 -4.12 15.15 -5.72
C ARG K 175 -5.32 14.80 -6.59
N ALA K 176 -5.11 14.75 -7.90
CA ALA K 176 -6.17 14.34 -8.80
C ALA K 176 -6.51 12.88 -8.56
N CYS K 177 -7.79 12.55 -8.69
CA CYS K 177 -8.20 11.16 -8.57
C CYS K 177 -7.45 10.31 -9.58
N ARG K 178 -7.03 9.11 -9.15
CA ARG K 178 -6.23 8.22 -9.98
C ARG K 178 -6.81 6.81 -9.86
N GLY K 179 -7.65 6.44 -10.83
CA GLY K 179 -8.22 5.12 -10.90
C GLY K 179 -7.94 4.48 -12.26
N GLU K 180 -8.13 3.16 -12.31
CA GLU K 180 -7.65 2.37 -13.43
C GLU K 180 -8.30 2.71 -14.76
N LEU K 181 -9.45 3.39 -14.76
CA LEU K 181 -10.19 3.66 -15.98
C LEU K 181 -10.53 2.34 -16.69
N ARG K 182 -11.16 1.44 -15.95
CA ARG K 182 -11.49 0.13 -16.47
C ARG K 182 -12.37 0.25 -17.71
N ASP K 183 -12.53 -0.87 -18.41
CA ASP K 183 -13.31 -0.93 -19.62
C ASP K 183 -14.77 -1.27 -19.31
N THR K 184 -15.63 -1.11 -20.31
CA THR K 184 -17.06 -1.38 -20.17
C THR K 184 -17.50 -2.37 -21.25
N ILE K 185 -17.36 -3.66 -20.97
CA ILE K 185 -18.04 -4.71 -21.71
C ILE K 185 -18.26 -5.88 -20.75
N LEU K 186 -19.50 -6.34 -20.63
CA LEU K 186 -19.84 -7.31 -19.61
C LEU K 186 -19.50 -8.72 -20.07
N ASP K 187 -18.68 -9.42 -19.29
CA ASP K 187 -18.43 -10.83 -19.50
C ASP K 187 -19.64 -11.63 -19.00
N TRP K 188 -19.72 -12.88 -19.44
CA TRP K 188 -20.80 -13.75 -18.98
C TRP K 188 -20.79 -13.81 -17.45
N GLU K 189 -21.97 -13.63 -16.85
CA GLU K 189 -22.11 -13.59 -15.40
C GLU K 189 -21.45 -12.34 -14.80
N ASP K 190 -21.75 -11.19 -15.40
CA ASP K 190 -21.32 -9.89 -14.87
C ASP K 190 -22.51 -8.94 -14.81
N SER K 191 -22.55 -8.13 -13.76
CA SER K 191 -23.66 -7.22 -13.55
C SER K 191 -23.63 -6.08 -14.56
N LEU K 192 -24.78 -5.43 -14.73
CA LEU K 192 -24.95 -4.31 -15.64
C LEU K 192 -24.63 -3.00 -14.95
N PRO K 193 -24.33 -1.95 -15.71
CA PRO K 193 -24.16 -0.63 -15.09
C PRO K 193 -25.44 -0.18 -14.40
N ASP K 194 -25.33 0.15 -13.12
CA ASP K 194 -26.51 0.42 -12.32
C ASP K 194 -27.29 1.62 -12.86
N ARG K 195 -26.59 2.74 -13.10
CA ARG K 195 -27.28 3.95 -13.55
C ARG K 195 -27.95 3.73 -14.91
N ASP K 196 -27.19 3.17 -15.87
CA ASP K 196 -27.75 2.96 -17.20
C ASP K 196 -28.93 2.01 -17.15
N LEU K 197 -28.82 0.93 -16.37
CA LEU K 197 -29.91 -0.03 -16.29
C LEU K 197 -31.15 0.60 -15.65
N ALA K 198 -30.96 1.39 -14.59
CA ALA K 198 -32.11 2.03 -13.96
C ALA K 198 -32.79 3.00 -14.91
N LEU K 199 -32.00 3.80 -15.63
CA LEU K 199 -32.59 4.72 -16.60
C LEU K 199 -33.33 3.97 -17.69
N ALA K 200 -32.75 2.87 -18.17
CA ALA K 200 -33.41 2.07 -19.19
C ALA K 200 -34.71 1.49 -18.68
N ASP K 201 -34.72 0.98 -17.45
CA ASP K 201 -35.94 0.41 -16.88
C ASP K 201 -37.02 1.47 -16.76
N GLU K 202 -36.66 2.65 -16.25
CA GLU K 202 -37.64 3.71 -16.12
C GLU K 202 -38.21 4.10 -17.48
N ALA K 203 -37.32 4.26 -18.47
CA ALA K 203 -37.77 4.64 -19.80
C ALA K 203 -38.69 3.58 -20.40
N SER K 204 -38.30 2.31 -20.31
CA SER K 204 -39.10 1.25 -20.89
C SER K 204 -40.47 1.16 -20.22
N ARG K 205 -40.50 1.26 -18.89
CA ARG K 205 -41.80 1.24 -18.21
C ARG K 205 -42.65 2.42 -18.65
N ASN K 206 -42.06 3.61 -18.75
CA ASN K 206 -42.81 4.77 -19.20
C ASN K 206 -43.19 4.67 -20.67
N ALA K 207 -42.59 3.74 -21.42
CA ALA K 207 -42.79 3.66 -22.86
C ALA K 207 -44.11 2.95 -23.15
N ASP K 208 -45.07 3.70 -23.69
CA ASP K 208 -46.31 3.11 -24.18
C ASP K 208 -46.15 2.48 -25.55
N LEU K 209 -45.02 2.68 -26.22
CA LEU K 209 -44.74 2.02 -27.49
C LEU K 209 -43.23 2.00 -27.69
N SER K 210 -42.63 0.83 -27.57
CA SER K 210 -41.19 0.66 -27.77
C SER K 210 -40.96 -0.40 -28.83
N ILE K 211 -40.05 -0.12 -29.76
CA ILE K 211 -39.77 -1.01 -30.88
C ILE K 211 -38.32 -1.45 -30.76
N THR K 212 -38.09 -2.76 -30.85
CA THR K 212 -36.78 -3.35 -30.63
C THR K 212 -36.20 -3.84 -31.95
N LEU K 213 -35.05 -3.30 -32.32
CA LEU K 213 -34.44 -3.56 -33.62
C LEU K 213 -33.16 -4.37 -33.46
N GLY K 214 -32.78 -5.03 -34.56
CA GLY K 214 -31.49 -5.68 -34.68
C GLY K 214 -31.05 -6.53 -33.49
N THR K 215 -32.01 -7.03 -32.72
CA THR K 215 -31.70 -7.90 -31.60
C THR K 215 -32.59 -9.14 -31.64
N SER K 216 -32.00 -10.29 -31.30
CA SER K 216 -32.79 -11.50 -31.10
C SER K 216 -33.44 -11.55 -29.73
N LEU K 217 -33.04 -10.66 -28.82
CA LEU K 217 -33.60 -10.54 -27.48
C LEU K 217 -33.41 -11.81 -26.65
N GLN K 218 -32.59 -12.75 -27.11
CA GLN K 218 -32.27 -13.92 -26.31
C GLN K 218 -31.55 -13.56 -25.03
N ILE K 219 -30.87 -12.41 -25.00
CA ILE K 219 -29.92 -12.09 -23.94
C ILE K 219 -30.64 -11.55 -22.71
N ARG K 220 -29.88 -11.42 -21.61
CA ARG K 220 -30.43 -11.03 -20.32
C ARG K 220 -31.00 -9.61 -20.34
N PRO K 221 -31.93 -9.28 -19.41
CA PRO K 221 -32.61 -7.99 -19.44
C PRO K 221 -32.74 -7.26 -20.78
N SER K 222 -31.64 -6.98 -21.46
CA SER K 222 -31.70 -6.27 -22.72
C SER K 222 -32.90 -6.71 -23.56
N GLY K 223 -33.08 -8.02 -23.70
CA GLY K 223 -34.21 -8.55 -24.45
C GLY K 223 -35.50 -8.60 -23.66
N ASN K 224 -35.43 -8.30 -22.36
CA ASN K 224 -36.61 -8.30 -21.51
C ASN K 224 -37.26 -6.92 -21.36
N LEU K 225 -36.53 -5.84 -21.62
CA LEU K 225 -37.11 -4.50 -21.53
C LEU K 225 -38.40 -4.37 -22.33
N PRO K 226 -38.48 -4.83 -23.59
CA PRO K 226 -39.74 -4.69 -24.33
C PRO K 226 -40.84 -5.64 -23.87
N LEU K 227 -40.55 -6.56 -22.95
CA LEU K 227 -41.64 -7.28 -22.29
C LEU K 227 -42.35 -6.36 -21.31
N ALA K 228 -41.58 -5.66 -20.48
CA ALA K 228 -42.16 -4.74 -19.52
C ALA K 228 -42.67 -3.47 -20.20
N THR K 229 -42.24 -3.20 -21.43
CA THR K 229 -42.79 -2.06 -22.15
C THR K 229 -44.28 -2.25 -22.42
N LYS K 230 -44.72 -3.48 -22.67
CA LYS K 230 -46.12 -3.77 -22.95
C LYS K 230 -46.87 -4.28 -21.73
N ARG K 231 -46.20 -4.94 -20.79
CA ARG K 231 -46.84 -5.19 -19.50
C ARG K 231 -47.24 -3.83 -18.94
N ARG K 232 -48.32 -3.79 -18.16
CA ARG K 232 -48.85 -2.52 -17.66
C ARG K 232 -49.18 -1.58 -18.82
N GLY K 233 -49.63 -2.14 -19.94
CA GLY K 233 -49.96 -1.35 -21.10
C GLY K 233 -48.79 -1.14 -22.04
N GLY K 234 -49.10 -0.66 -23.23
CA GLY K 234 -48.10 -0.40 -24.25
C GLY K 234 -48.00 -1.54 -25.26
N ARG K 235 -47.64 -1.17 -26.49
CA ARG K 235 -47.52 -2.10 -27.59
C ARG K 235 -46.05 -2.30 -27.94
N LEU K 236 -45.72 -3.53 -28.32
CA LEU K 236 -44.34 -3.93 -28.63
C LEU K 236 -44.23 -4.26 -30.11
N VAL K 237 -43.26 -3.63 -30.78
CA VAL K 237 -42.99 -3.88 -32.18
C VAL K 237 -41.60 -4.50 -32.26
N ILE K 238 -41.52 -5.76 -32.67
CA ILE K 238 -40.28 -6.50 -32.74
C ILE K 238 -39.88 -6.58 -34.22
N VAL K 239 -39.03 -5.67 -34.65
CA VAL K 239 -38.59 -5.59 -36.04
C VAL K 239 -37.26 -6.34 -36.15
N ASN K 240 -37.32 -7.56 -36.67
CA ASN K 240 -36.11 -8.37 -36.82
C ASN K 240 -36.35 -9.45 -37.85
N LEU K 241 -35.26 -9.95 -38.43
CA LEU K 241 -35.34 -11.03 -39.39
C LEU K 241 -35.59 -12.37 -38.72
N GLN K 242 -34.73 -12.75 -37.78
CA GLN K 242 -34.85 -14.05 -37.14
C GLN K 242 -36.09 -14.09 -36.25
N PRO K 243 -36.58 -15.30 -35.95
CA PRO K 243 -37.65 -15.43 -34.95
C PRO K 243 -37.12 -15.05 -33.57
N THR K 244 -37.65 -13.97 -33.02
CA THR K 244 -37.22 -13.52 -31.72
C THR K 244 -37.77 -14.42 -30.62
N LYS K 245 -37.07 -14.43 -29.49
CA LYS K 245 -37.47 -15.23 -28.34
C LYS K 245 -38.79 -14.78 -27.73
N HIS K 246 -39.40 -13.70 -28.24
CA HIS K 246 -40.67 -13.23 -27.71
C HIS K 246 -41.64 -12.86 -28.83
N ASP K 247 -41.58 -13.58 -29.96
CA ASP K 247 -42.56 -13.34 -31.02
C ASP K 247 -43.96 -13.65 -30.55
N ARG K 248 -44.13 -14.72 -29.77
CA ARG K 248 -45.45 -15.09 -29.28
C ARG K 248 -46.08 -13.94 -28.50
N HIS K 249 -45.27 -13.14 -27.82
CA HIS K 249 -45.76 -11.95 -27.13
C HIS K 249 -45.72 -10.71 -28.00
N ALA K 250 -45.06 -10.77 -29.15
CA ALA K 250 -44.93 -9.61 -30.01
C ALA K 250 -46.29 -9.07 -30.42
N ASP K 251 -46.47 -7.76 -30.31
CA ASP K 251 -47.64 -7.09 -30.84
C ASP K 251 -47.47 -6.66 -32.29
N LEU K 252 -46.27 -6.82 -32.84
CA LEU K 252 -46.02 -6.58 -34.24
C LEU K 252 -44.75 -7.34 -34.63
N ARG K 253 -44.56 -7.52 -35.93
CA ARG K 253 -43.38 -8.21 -36.41
C ARG K 253 -43.10 -7.76 -37.84
N ILE K 254 -41.81 -7.80 -38.20
CA ILE K 254 -41.36 -7.54 -39.56
C ILE K 254 -40.38 -8.65 -39.95
N HIS K 255 -40.27 -8.86 -41.26
CA HIS K 255 -39.25 -9.73 -41.84
C HIS K 255 -38.60 -8.93 -42.96
N GLY K 256 -37.63 -8.08 -42.61
CA GLY K 256 -37.01 -7.24 -43.61
C GLY K 256 -35.81 -6.52 -43.03
N TYR K 257 -35.10 -5.83 -43.92
CA TYR K 257 -33.91 -5.09 -43.53
C TYR K 257 -34.29 -3.92 -42.62
N VAL K 258 -33.54 -3.77 -41.53
CA VAL K 258 -33.82 -2.68 -40.60
C VAL K 258 -33.65 -1.34 -41.30
N ASP K 259 -32.59 -1.19 -42.10
CA ASP K 259 -32.37 0.06 -42.80
C ASP K 259 -33.57 0.38 -43.70
N GLU K 260 -34.01 -0.60 -44.48
CA GLU K 260 -35.11 -0.34 -45.42
C GLU K 260 -36.40 -0.01 -44.67
N VAL K 261 -36.72 -0.76 -43.63
CA VAL K 261 -37.97 -0.51 -42.91
C VAL K 261 -37.94 0.87 -42.25
N MET K 262 -36.81 1.22 -41.63
CA MET K 262 -36.71 2.55 -41.03
C MET K 262 -36.78 3.65 -42.09
N THR K 263 -36.17 3.42 -43.26
CA THR K 263 -36.24 4.42 -44.32
C THR K 263 -37.67 4.62 -44.77
N ARG K 264 -38.42 3.53 -44.92
CA ARG K 264 -39.83 3.65 -45.27
C ARG K 264 -40.60 4.38 -44.17
N LEU K 265 -40.29 4.09 -42.91
CA LEU K 265 -40.95 4.77 -41.80
C LEU K 265 -40.72 6.28 -41.89
N MET K 266 -39.47 6.69 -42.09
CA MET K 266 -39.18 8.12 -42.15
C MET K 266 -39.78 8.75 -43.40
N LYS K 267 -39.83 8.01 -44.51
CA LYS K 267 -40.48 8.53 -45.71
C LYS K 267 -41.96 8.79 -45.46
N HIS K 268 -42.63 7.84 -44.79
CA HIS K 268 -44.04 8.04 -44.45
C HIS K 268 -44.21 9.21 -43.51
N LEU K 269 -43.32 9.34 -42.53
CA LEU K 269 -43.39 10.44 -41.58
C LEU K 269 -43.01 11.78 -42.20
N GLY K 270 -42.38 11.77 -43.37
CA GLY K 270 -41.78 12.97 -43.91
C GLY K 270 -40.46 13.32 -43.27
N LEU K 271 -39.78 12.35 -42.66
CA LEU K 271 -38.57 12.58 -41.89
C LEU K 271 -37.32 12.28 -42.72
N GLU K 272 -36.26 13.03 -42.45
CA GLU K 272 -34.97 12.88 -43.11
C GLU K 272 -33.95 12.35 -42.10
N ILE K 273 -32.74 12.10 -42.58
CA ILE K 273 -31.69 11.47 -41.76
C ILE K 273 -30.37 12.20 -41.95
N PRO K 274 -29.66 12.57 -40.87
CA PRO K 274 -28.31 13.12 -41.05
C PRO K 274 -27.36 12.10 -41.67
N ALA K 275 -26.11 12.49 -41.93
CA ALA K 275 -25.16 11.66 -42.66
C ALA K 275 -23.87 11.52 -41.86
N TRP K 276 -23.84 10.55 -40.95
CA TRP K 276 -22.71 10.15 -40.10
C TRP K 276 -21.69 11.23 -39.81
N ASP K 277 -20.56 10.84 -39.22
CA ASP K 277 -19.45 11.71 -38.92
C ASP K 277 -18.32 10.83 -38.39
N GLY K 278 -17.25 11.47 -37.92
CA GLY K 278 -16.24 10.76 -37.16
C GLY K 278 -16.75 10.53 -35.75
N PRO K 279 -15.88 10.68 -34.75
CA PRO K 279 -16.35 10.58 -33.36
C PRO K 279 -16.87 11.91 -32.82
N ARG K 280 -17.87 12.47 -33.51
CA ARG K 280 -18.49 13.72 -33.09
C ARG K 280 -19.42 13.45 -31.90
N VAL K 281 -18.80 13.20 -30.76
CA VAL K 281 -19.55 12.80 -29.57
C VAL K 281 -20.20 14.02 -28.94
N LEU K 282 -21.42 13.84 -28.42
CA LEU K 282 -22.14 14.88 -27.72
C LEU K 282 -22.90 14.25 -26.57
N GLU K 283 -22.98 14.97 -25.45
CA GLU K 283 -23.53 14.43 -24.21
C GLU K 283 -24.88 15.05 -23.84
N ARG K 284 -24.95 16.37 -23.74
CA ARG K 284 -26.17 17.01 -23.28
C ARG K 284 -27.31 16.78 -24.27
N ALA K 285 -28.49 16.50 -23.74
CA ALA K 285 -29.66 16.27 -24.59
C ALA K 285 -29.96 17.50 -25.43
N LEU K 286 -29.96 17.33 -26.75
CA LEU K 286 -30.22 18.44 -27.64
C LEU K 286 -31.67 18.91 -27.50
N PRO K 287 -31.93 20.19 -27.68
CA PRO K 287 -33.30 20.70 -27.51
C PRO K 287 -34.26 20.05 -28.48
N PRO K 288 -35.50 19.76 -28.05
CA PRO K 288 -36.48 19.20 -29.00
C PRO K 288 -36.78 20.18 -30.12
N LEU K 289 -37.06 19.63 -31.30
CA LEU K 289 -37.40 20.41 -32.48
C LEU K 289 -38.88 20.29 -32.78
N PRO K 290 -39.47 21.27 -33.49
CA PRO K 290 -40.90 21.24 -33.80
C PRO K 290 -41.30 20.02 -34.63
C15 ZSL L . -31.05 -10.38 -35.40
C17 ZSL L . -29.17 -10.70 -36.81
C20 ZSL L . -24.79 -10.16 -26.95
C21 ZSL L . -23.93 -8.90 -27.05
C22 ZSL L . -32.82 -6.90 -39.06
C24 ZSL L . -26.07 -8.64 -28.12
C26 ZSL L . -25.73 -9.00 -29.56
C28 ZSL L . -30.96 -6.05 -40.24
C14 ZSL L . -30.86 -9.51 -34.18
C16 ZSL L . -29.91 -11.37 -35.67
C18 ZSL L . -30.32 -10.10 -37.57
C19 ZSL L . -23.19 -9.47 -24.88
C23 ZSL L . -24.92 -7.84 -27.48
C25 ZSL L . -30.88 -8.09 -38.82
C27 ZSL L . -30.17 -7.16 -39.69
C29 ZSL L . -28.79 -8.71 -39.03
N03 ZSL L . -32.25 -5.99 -39.88
N04 ZSL L . -32.19 -7.93 -38.52
N05 ZSL L . -30.39 -5.14 -41.06
N06 ZSL L . -28.90 -7.58 -39.79
N07 ZSL L . -29.99 -8.99 -38.46
O31 ZSL L . -30.53 -12.60 -36.10
O32 ZSL L . -28.50 -11.61 -37.69
O33 ZSL L . -31.07 -9.50 -36.54
O34 ZSL L . -23.31 -8.50 -25.81
O35 ZSL L . -25.33 -7.03 -26.37
O36 ZSL L . -26.16 -9.71 -27.17
O37 ZSL L . -26.84 -9.73 -30.10
O38 ZSL L . -28.85 -9.26 -28.73
O39 ZSL L . -28.29 -7.60 -30.53
O40 ZSL L . -29.14 -9.94 -31.06
O41 ZSL L . -28.05 -11.39 -32.91
O42 ZSL L . -28.28 -8.85 -33.09
O43 ZSL L . -30.38 -10.37 -33.14
P44 ZSL L . -28.31 -9.08 -30.02
P45 ZSL L . -28.87 -10.14 -32.64
S46 ZSL L . -24.35 -10.82 -25.39
ZN ZN M . -11.48 8.89 -11.10
#